data_4UXB
#
_entry.id   4UXB
#
_cell.length_a   105.242
_cell.length_b   166.423
_cell.length_c   182.945
_cell.angle_alpha   90.00
_cell.angle_beta   90.00
_cell.angle_gamma   90.00
#
_symmetry.space_group_name_H-M   'F 2 2 2'
#
loop_
_entity.id
_entity.type
_entity.pdbx_description
1 polymer 'POLY ADP-RIBOSE POLYMERASE 1'
2 non-polymer N~2~,N~2~-DIMETHYL-N~1~-(6-OXO-5,6-DIHYDROPHENANTHRIDIN-2-YL)GLYCINAMIDE
3 non-polymer 'SULFATE ION'
4 water water
#
_entity_poly.entity_id   1
_entity_poly.type   'polypeptide(L)'
_entity_poly.pdbx_seq_one_letter_code
;SMKSKLPKPVQDLIKMIFDVESMKKAMVEYEIDLQKMPLGKLSKRQIQAAYSILSEVQQAVSQGSSDSQILDLSNRFYTL
IPHDFGMKKPPLLNNADSVQAKAEMLDNLLDIEVAYSLLRGGSDDSSKDPIDVNYEKLKTDIKVVDRDSEEAEIIRKYVK
NTHATTHNAYDLEVIDIFKIEREGECQRYKPFKQLHNRRLLWHGSRTTNFAGILSQGLRIAPPEAPVTGYMFGKGIYFAD
MVSKSANYCHTSQGDPIGLILLGEVALGNMYELKHASHISKLPKGKHSVKGLGKTTPDPSANISLDGVDVPLGTGISSGV
NDTSLLYNEYIVYDIAQVNLKYLLKLKFNFKT
;
_entity_poly.pdbx_strand_id   A,B
#
loop_
_chem_comp.id
_chem_comp.type
_chem_comp.name
_chem_comp.formula
P34 non-polymer N~2~,N~2~-DIMETHYL-N~1~-(6-OXO-5,6-DIHYDROPHENANTHRIDIN-2-YL)GLYCINAMIDE 'C17 H17 N3 O2'
SO4 non-polymer 'SULFATE ION' 'O4 S -2'
#
# COMPACT_ATOMS: atom_id res chain seq x y z
N MET A 2 21.13 -11.56 -13.29
CA MET A 2 20.34 -11.88 -14.49
C MET A 2 19.68 -10.62 -15.05
N LYS A 3 19.55 -10.53 -16.40
CA LYS A 3 18.99 -9.39 -17.15
C LYS A 3 17.65 -8.89 -16.56
N SER A 4 17.68 -7.67 -15.96
CA SER A 4 16.55 -6.99 -15.33
C SER A 4 15.47 -6.61 -16.34
N LYS A 5 14.19 -6.78 -15.96
CA LYS A 5 13.05 -6.46 -16.82
C LYS A 5 12.52 -5.03 -16.53
N LEU A 6 13.30 -4.21 -15.83
CA LEU A 6 12.92 -2.84 -15.53
C LEU A 6 13.24 -1.91 -16.72
N PRO A 7 12.38 -0.90 -17.03
CA PRO A 7 12.67 -0.01 -18.17
C PRO A 7 13.94 0.81 -17.98
N LYS A 8 14.62 1.17 -19.10
CA LYS A 8 15.85 1.96 -19.10
C LYS A 8 15.72 3.29 -18.31
N PRO A 9 14.66 4.14 -18.46
CA PRO A 9 14.61 5.37 -17.64
C PRO A 9 14.58 5.10 -16.13
N VAL A 10 13.99 3.96 -15.70
CA VAL A 10 13.92 3.54 -14.31
C VAL A 10 15.30 2.99 -13.90
N GLN A 11 15.87 2.06 -14.71
CA GLN A 11 17.19 1.44 -14.47
C GLN A 11 18.27 2.50 -14.25
N ASP A 12 18.27 3.55 -15.10
CA ASP A 12 19.22 4.66 -15.05
C ASP A 12 18.97 5.57 -13.85
N LEU A 13 17.70 5.69 -13.40
CA LEU A 13 17.30 6.50 -12.24
C LEU A 13 17.82 5.87 -10.93
N ILE A 14 17.78 4.53 -10.84
CA ILE A 14 18.26 3.75 -9.68
C ILE A 14 19.79 3.94 -9.54
N LYS A 15 20.51 3.95 -10.68
CA LYS A 15 21.97 4.18 -10.74
C LYS A 15 22.32 5.58 -10.24
N MET A 16 21.47 6.58 -10.60
CA MET A 16 21.59 8.00 -10.28
C MET A 16 21.36 8.29 -8.80
N ILE A 17 20.25 7.78 -8.23
CA ILE A 17 19.88 8.01 -6.82
C ILE A 17 20.75 7.17 -5.85
N PHE A 18 21.47 6.14 -6.35
CA PHE A 18 22.34 5.30 -5.53
C PHE A 18 23.82 5.44 -5.93
N ASP A 19 24.20 6.60 -6.52
CA ASP A 19 25.58 6.87 -6.97
C ASP A 19 26.48 7.17 -5.77
N VAL A 20 27.41 6.24 -5.46
CA VAL A 20 28.37 6.30 -4.35
C VAL A 20 29.34 7.47 -4.55
N GLU A 21 29.77 7.72 -5.81
CA GLU A 21 30.69 8.81 -6.16
C GLU A 21 30.04 10.18 -5.96
N SER A 22 28.72 10.31 -6.23
CA SER A 22 27.95 11.55 -6.06
C SER A 22 27.88 11.96 -4.59
N MET A 23 27.84 10.95 -3.69
CA MET A 23 27.81 11.10 -2.24
C MET A 23 29.17 11.63 -1.74
N LYS A 24 30.28 10.97 -2.15
CA LYS A 24 31.63 11.36 -1.77
C LYS A 24 31.95 12.76 -2.32
N LYS A 25 31.47 13.05 -3.56
CA LYS A 25 31.61 14.34 -4.26
C LYS A 25 30.98 15.46 -3.44
N ALA A 26 29.77 15.23 -2.90
CA ALA A 26 29.04 16.20 -2.08
C ALA A 26 29.77 16.44 -0.75
N MET A 27 30.37 15.37 -0.16
CA MET A 27 31.13 15.45 1.09
C MET A 27 32.37 16.34 0.94
N VAL A 28 33.03 16.27 -0.25
CA VAL A 28 34.19 17.08 -0.61
C VAL A 28 33.76 18.55 -0.73
N GLU A 29 32.62 18.81 -1.42
CA GLU A 29 32.05 20.15 -1.61
C GLU A 29 31.57 20.76 -0.30
N TYR A 30 31.15 19.91 0.68
CA TYR A 30 30.73 20.35 2.02
C TYR A 30 31.96 20.52 2.96
N GLU A 31 33.17 20.49 2.37
CA GLU A 31 34.50 20.65 2.98
C GLU A 31 34.88 19.52 3.96
N ILE A 32 34.00 18.49 4.15
CA ILE A 32 34.20 17.37 5.07
C ILE A 32 35.47 16.57 4.71
N ASP A 33 36.35 16.37 5.71
CA ASP A 33 37.60 15.61 5.58
C ASP A 33 37.26 14.12 5.53
N LEU A 34 37.24 13.56 4.30
CA LEU A 34 36.92 12.14 4.04
C LEU A 34 38.03 11.15 4.49
N GLN A 35 39.18 11.67 4.97
CA GLN A 35 40.27 10.84 5.45
C GLN A 35 40.07 10.49 6.93
N LYS A 36 39.67 11.48 7.78
CA LYS A 36 39.40 11.28 9.21
C LYS A 36 38.00 10.69 9.45
N MET A 37 37.07 10.89 8.49
CA MET A 37 35.72 10.33 8.54
C MET A 37 35.27 9.90 7.14
N PRO A 38 35.39 8.59 6.79
CA PRO A 38 34.94 8.15 5.46
C PRO A 38 33.41 8.09 5.34
N LEU A 39 32.93 7.69 4.15
CA LEU A 39 31.50 7.56 3.83
C LEU A 39 30.83 6.47 4.69
N GLY A 40 31.55 5.39 4.97
CA GLY A 40 31.09 4.26 5.75
C GLY A 40 30.93 4.53 7.23
N LYS A 41 31.98 5.13 7.86
CA LYS A 41 32.00 5.44 9.30
C LYS A 41 31.06 6.62 9.68
N LEU A 42 30.18 7.03 8.76
CA LEU A 42 29.18 8.07 9.00
C LEU A 42 27.99 7.44 9.73
N SER A 43 27.65 7.98 10.92
CA SER A 43 26.55 7.47 11.75
C SER A 43 25.54 8.56 12.13
N LYS A 44 24.25 8.17 12.19
CA LYS A 44 23.08 8.99 12.52
C LYS A 44 23.17 9.60 13.93
N ARG A 45 23.77 8.82 14.88
CA ARG A 45 23.99 9.12 16.29
C ARG A 45 24.84 10.38 16.51
N GLN A 46 25.78 10.64 15.57
CA GLN A 46 26.69 11.79 15.60
C GLN A 46 26.11 12.96 14.78
N ILE A 47 25.31 12.67 13.73
CA ILE A 47 24.61 13.70 12.95
C ILE A 47 23.61 14.40 13.90
N GLN A 48 22.80 13.61 14.63
CA GLN A 48 21.82 14.10 15.61
C GLN A 48 22.53 14.84 16.76
N ALA A 49 23.76 14.40 17.12
CA ALA A 49 24.58 15.02 18.16
C ALA A 49 25.08 16.38 17.70
N ALA A 50 25.48 16.48 16.40
CA ALA A 50 25.97 17.73 15.79
C ALA A 50 24.87 18.80 15.78
N TYR A 51 23.60 18.38 15.58
CA TYR A 51 22.41 19.24 15.59
C TYR A 51 22.22 19.89 16.96
N SER A 52 22.24 19.07 18.05
CA SER A 52 22.06 19.49 19.45
C SER A 52 23.19 20.42 19.92
N ILE A 53 24.33 20.43 19.20
CA ILE A 53 25.46 21.32 19.45
C ILE A 53 25.27 22.59 18.57
N LEU A 54 24.67 22.42 17.36
CA LEU A 54 24.36 23.51 16.42
C LEU A 54 23.24 24.39 16.98
N SER A 55 22.30 23.81 17.75
CA SER A 55 21.21 24.55 18.40
C SER A 55 21.71 25.27 19.66
N GLU A 56 22.85 24.82 20.22
CA GLU A 56 23.48 25.44 21.40
C GLU A 56 24.22 26.72 20.99
N VAL A 57 24.69 26.78 19.73
CA VAL A 57 25.35 27.96 19.13
C VAL A 57 24.25 29.00 18.88
N GLN A 58 23.04 28.51 18.53
CA GLN A 58 21.82 29.28 18.33
C GLN A 58 21.38 29.81 19.70
N GLN A 59 21.68 29.05 20.79
CA GLN A 59 21.39 29.41 22.19
C GLN A 59 22.34 30.57 22.62
N ALA A 60 23.49 30.74 21.92
CA ALA A 60 24.44 31.81 22.21
C ALA A 60 23.94 33.17 21.67
N VAL A 61 22.63 33.41 21.85
CA VAL A 61 21.88 34.63 21.58
C VAL A 61 21.93 35.44 22.90
N SER A 62 21.93 34.72 24.05
CA SER A 62 22.04 35.29 25.40
C SER A 62 23.45 35.85 25.64
N GLN A 63 24.49 35.26 24.98
CA GLN A 63 25.89 35.67 25.05
C GLN A 63 26.67 35.12 23.84
N ASP A 67 32.33 36.34 23.27
CA ASP A 67 32.65 35.56 22.07
C ASP A 67 33.46 34.30 22.40
N SER A 68 34.29 34.36 23.49
CA SER A 68 35.15 33.25 23.93
C SER A 68 34.37 32.00 24.34
N GLN A 69 33.13 32.18 24.81
CA GLN A 69 32.22 31.12 25.25
C GLN A 69 31.59 30.36 24.06
N ILE A 70 31.36 31.07 22.93
CA ILE A 70 30.73 30.55 21.71
C ILE A 70 31.67 29.60 20.96
N LEU A 71 32.95 30.02 20.82
CA LEU A 71 33.99 29.27 20.10
C LEU A 71 34.39 28.00 20.88
N ASP A 72 34.05 27.91 22.18
CA ASP A 72 34.34 26.73 22.99
C ASP A 72 33.46 25.55 22.58
N LEU A 73 32.25 25.85 22.04
CA LEU A 73 31.28 24.86 21.54
C LEU A 73 31.26 24.82 20.00
N SER A 74 31.62 25.95 19.33
CA SER A 74 31.67 26.07 17.87
C SER A 74 32.67 25.07 17.27
N ASN A 75 33.88 24.98 17.88
CA ASN A 75 34.94 24.05 17.47
C ASN A 75 34.59 22.61 17.84
N ARG A 76 33.77 22.40 18.91
CA ARG A 76 33.33 21.08 19.39
C ARG A 76 32.47 20.39 18.34
N PHE A 77 31.81 21.17 17.47
CA PHE A 77 31.03 20.68 16.33
C PHE A 77 32.00 20.13 15.27
N TYR A 78 33.13 20.83 15.04
CA TYR A 78 34.16 20.44 14.07
C TYR A 78 34.93 19.20 14.55
N THR A 79 34.77 18.83 15.84
CA THR A 79 35.35 17.64 16.47
C THR A 79 34.52 16.44 15.96
N LEU A 80 33.18 16.57 15.96
CA LEU A 80 32.24 15.54 15.50
C LEU A 80 32.26 15.44 13.96
N ILE A 81 32.22 16.59 13.27
CA ILE A 81 32.24 16.68 11.80
C ILE A 81 33.61 17.27 11.34
N PRO A 82 34.55 16.44 10.81
CA PRO A 82 35.85 17.00 10.36
C PRO A 82 35.70 17.88 9.12
N HIS A 83 36.44 19.00 9.09
CA HIS A 83 36.42 19.97 7.99
C HIS A 83 37.83 20.28 7.53
N ASP A 84 38.01 20.39 6.21
CA ASP A 84 39.29 20.68 5.56
C ASP A 84 39.12 21.77 4.50
N PRO A 91 36.25 28.18 9.63
CA PRO A 91 34.94 28.86 9.65
C PRO A 91 34.35 28.91 11.06
N LEU A 92 34.24 30.12 11.64
CA LEU A 92 33.70 30.31 12.99
C LEU A 92 32.18 30.35 12.96
N LEU A 93 31.56 29.58 13.86
CA LEU A 93 30.10 29.52 13.99
C LEU A 93 29.67 30.35 15.19
N ASN A 94 29.17 31.54 14.89
CA ASN A 94 28.69 32.54 15.84
C ASN A 94 27.51 33.29 15.24
N ASN A 95 27.53 33.48 13.91
CA ASN A 95 26.49 34.16 13.13
C ASN A 95 25.31 33.22 12.94
N ALA A 96 24.09 33.78 12.71
CA ALA A 96 22.88 32.99 12.46
C ALA A 96 22.96 32.30 11.09
N ASP A 97 23.64 32.94 10.13
CA ASP A 97 23.88 32.46 8.77
C ASP A 97 24.81 31.25 8.77
N SER A 98 25.78 31.23 9.71
CA SER A 98 26.77 30.15 9.89
C SER A 98 26.09 28.86 10.38
N VAL A 99 25.09 28.99 11.26
CA VAL A 99 24.32 27.88 11.84
C VAL A 99 23.40 27.29 10.76
N GLN A 100 22.71 28.16 9.97
CA GLN A 100 21.80 27.77 8.88
C GLN A 100 22.52 26.98 7.78
N ALA A 101 23.78 27.36 7.48
CA ALA A 101 24.63 26.73 6.47
C ALA A 101 24.96 25.29 6.86
N LYS A 102 25.31 25.07 8.14
CA LYS A 102 25.63 23.74 8.67
C LYS A 102 24.34 22.94 8.90
N ALA A 103 23.20 23.64 9.10
CA ALA A 103 21.89 23.03 9.29
C ALA A 103 21.44 22.33 8.00
N GLU A 104 21.62 23.01 6.83
CA GLU A 104 21.32 22.47 5.50
C GLU A 104 22.24 21.30 5.15
N MET A 105 23.50 21.36 5.63
CA MET A 105 24.52 20.33 5.44
C MET A 105 24.09 19.03 6.14
N LEU A 106 23.67 19.12 7.43
CA LEU A 106 23.25 17.96 8.22
C LEU A 106 21.94 17.42 7.69
N ASP A 107 21.06 18.30 7.14
CA ASP A 107 19.78 17.93 6.52
C ASP A 107 20.04 17.08 5.27
N ASN A 108 21.18 17.32 4.60
CA ASN A 108 21.64 16.62 3.40
C ASN A 108 22.43 15.35 3.74
N LEU A 109 23.32 15.43 4.76
CA LEU A 109 24.19 14.33 5.21
C LEU A 109 23.39 13.13 5.73
N LEU A 110 22.29 13.38 6.45
CA LEU A 110 21.44 12.35 7.01
C LEU A 110 20.78 11.51 5.91
N ASP A 111 20.38 12.16 4.78
CA ASP A 111 19.75 11.49 3.63
C ASP A 111 20.79 10.71 2.78
N ILE A 112 22.09 10.91 3.07
CA ILE A 112 23.21 10.20 2.44
C ILE A 112 23.54 8.98 3.33
N GLU A 113 23.44 9.16 4.67
CA GLU A 113 23.66 8.09 5.65
C GLU A 113 22.60 7.01 5.47
N VAL A 114 21.35 7.44 5.15
CA VAL A 114 20.19 6.57 4.89
C VAL A 114 20.42 5.84 3.55
N ALA A 115 20.88 6.58 2.52
CA ALA A 115 21.15 6.06 1.17
C ALA A 115 22.19 4.93 1.19
N TYR A 116 23.34 5.16 1.87
CA TYR A 116 24.43 4.18 1.98
C TYR A 116 24.07 3.04 2.95
N SER A 117 23.10 3.25 3.87
CA SER A 117 22.66 2.20 4.80
C SER A 117 21.88 1.14 4.05
N LEU A 118 20.97 1.58 3.15
CA LEU A 118 20.14 0.72 2.31
C LEU A 118 21.01 -0.05 1.33
N LEU A 119 22.00 0.66 0.73
CA LEU A 119 22.94 0.15 -0.26
C LEU A 119 23.88 -0.93 0.32
N ARG A 120 24.23 -0.82 1.61
CA ARG A 120 25.09 -1.73 2.36
C ARG A 120 24.28 -2.46 3.45
N ASP A 129 20.36 -9.89 -10.40
CA ASP A 129 21.17 -8.72 -10.69
C ASP A 129 21.18 -7.75 -9.49
N PRO A 130 22.09 -6.74 -9.44
CA PRO A 130 22.10 -5.85 -8.26
C PRO A 130 21.09 -4.69 -8.32
N ILE A 131 20.76 -4.19 -9.53
CA ILE A 131 19.83 -3.07 -9.77
C ILE A 131 18.42 -3.39 -9.24
N ASP A 132 17.94 -4.63 -9.45
CA ASP A 132 16.63 -5.09 -9.03
C ASP A 132 16.49 -5.17 -7.52
N VAL A 133 17.58 -5.45 -6.80
CA VAL A 133 17.59 -5.50 -5.33
C VAL A 133 17.45 -4.07 -4.77
N ASN A 134 18.14 -3.08 -5.40
CA ASN A 134 18.11 -1.66 -5.02
C ASN A 134 16.73 -1.04 -5.20
N TYR A 135 16.01 -1.38 -6.30
CA TYR A 135 14.65 -0.92 -6.59
C TYR A 135 13.69 -1.38 -5.48
N GLU A 136 13.82 -2.66 -5.08
CA GLU A 136 13.01 -3.28 -4.03
C GLU A 136 13.43 -2.81 -2.64
N LYS A 137 14.70 -2.37 -2.47
CA LYS A 137 15.25 -1.86 -1.21
C LYS A 137 14.58 -0.54 -0.82
N LEU A 138 14.27 0.29 -1.83
CA LEU A 138 13.60 1.57 -1.69
C LEU A 138 12.16 1.44 -1.21
N LYS A 139 11.51 0.30 -1.55
CA LYS A 139 10.11 -0.05 -1.27
C LYS A 139 9.16 1.02 -1.86
N THR A 140 9.14 1.11 -3.20
CA THR A 140 8.34 2.07 -3.99
C THR A 140 8.11 1.48 -5.39
N ASP A 141 6.96 1.79 -6.00
CA ASP A 141 6.62 1.39 -7.36
C ASP A 141 6.86 2.59 -8.28
N ILE A 142 7.85 2.47 -9.19
CA ILE A 142 8.22 3.54 -10.11
C ILE A 142 7.86 3.13 -11.54
N LYS A 143 6.76 3.69 -12.08
CA LYS A 143 6.26 3.43 -13.43
C LYS A 143 6.55 4.61 -14.35
N VAL A 144 7.05 4.35 -15.57
CA VAL A 144 7.38 5.42 -16.53
C VAL A 144 6.08 5.95 -17.15
N VAL A 145 5.95 7.28 -17.26
CA VAL A 145 4.79 7.93 -17.88
C VAL A 145 5.14 8.22 -19.34
N ASP A 146 4.25 7.79 -20.27
CA ASP A 146 4.43 7.99 -21.71
C ASP A 146 4.30 9.46 -22.07
N ARG A 147 5.13 9.92 -23.02
CA ARG A 147 5.20 11.29 -23.55
C ARG A 147 3.92 11.73 -24.26
N ASP A 148 3.17 10.77 -24.83
CA ASP A 148 1.93 10.99 -25.58
C ASP A 148 0.67 11.02 -24.67
N SER A 149 0.79 10.60 -23.38
CA SER A 149 -0.32 10.56 -22.42
C SER A 149 -0.82 11.97 -22.05
N GLU A 150 -2.11 12.07 -21.67
CA GLU A 150 -2.77 13.32 -21.28
C GLU A 150 -2.04 13.96 -20.09
N GLU A 151 -1.69 13.14 -19.07
CA GLU A 151 -1.01 13.57 -17.85
C GLU A 151 0.40 14.12 -18.14
N ALA A 152 1.05 13.69 -19.25
CA ALA A 152 2.37 14.20 -19.65
C ALA A 152 2.27 15.64 -20.16
N GLU A 153 1.20 15.97 -20.91
CA GLU A 153 0.93 17.33 -21.41
C GLU A 153 0.66 18.29 -20.26
N ILE A 154 -0.16 17.85 -19.27
CA ILE A 154 -0.53 18.61 -18.08
C ILE A 154 0.73 18.86 -17.22
N ILE A 155 1.63 17.86 -17.13
CA ILE A 155 2.87 17.95 -16.37
C ILE A 155 3.84 18.89 -17.12
N ARG A 156 3.98 18.75 -18.46
CA ARG A 156 4.86 19.60 -19.28
C ARG A 156 4.39 21.05 -19.29
N LYS A 157 3.06 21.29 -19.31
CA LYS A 157 2.49 22.65 -19.28
C LYS A 157 2.79 23.34 -17.96
N TYR A 158 2.75 22.57 -16.84
CA TYR A 158 3.04 23.01 -15.48
C TYR A 158 4.51 23.44 -15.36
N VAL A 159 5.42 22.84 -16.15
CA VAL A 159 6.84 23.21 -16.13
C VAL A 159 7.04 24.49 -16.96
N LYS A 160 6.54 24.47 -18.21
CA LYS A 160 6.68 25.54 -19.20
C LYS A 160 6.03 26.86 -18.79
N ASN A 161 4.87 26.83 -18.09
CA ASN A 161 4.15 28.04 -17.72
C ASN A 161 4.52 28.61 -16.34
N THR A 162 4.90 27.77 -15.36
CA THR A 162 5.23 28.27 -14.02
C THR A 162 6.77 28.47 -13.84
N HIS A 163 7.48 28.79 -14.93
CA HIS A 163 8.91 29.07 -14.88
C HIS A 163 9.10 30.60 -14.86
N ALA A 164 9.97 31.10 -13.96
CA ALA A 164 10.28 32.52 -13.81
C ALA A 164 11.30 32.97 -14.84
N ASN A 168 14.61 34.90 -15.92
CA ASN A 168 15.11 33.88 -16.84
C ASN A 168 16.65 33.85 -16.84
N ALA A 169 17.21 32.89 -16.09
CA ALA A 169 18.65 32.65 -15.95
C ALA A 169 19.02 31.21 -16.36
N TYR A 170 18.01 30.33 -16.48
CA TYR A 170 18.14 28.94 -16.90
C TYR A 170 16.84 28.46 -17.56
N ASP A 171 16.92 27.44 -18.46
CA ASP A 171 15.74 26.89 -19.12
C ASP A 171 15.55 25.42 -18.74
N LEU A 172 14.30 24.97 -18.58
CA LEU A 172 13.96 23.61 -18.16
C LEU A 172 13.26 22.81 -19.26
N GLU A 173 13.70 21.56 -19.46
CA GLU A 173 13.13 20.59 -20.41
C GLU A 173 13.02 19.22 -19.71
N VAL A 174 11.82 18.63 -19.75
CA VAL A 174 11.58 17.35 -19.06
C VAL A 174 12.15 16.18 -19.88
N ILE A 175 13.11 15.43 -19.28
CA ILE A 175 13.73 14.25 -19.88
C ILE A 175 12.80 13.05 -19.64
N ASP A 176 12.31 12.87 -18.39
CA ASP A 176 11.43 11.75 -18.02
C ASP A 176 10.41 12.13 -16.93
N ILE A 177 9.26 11.44 -16.95
CA ILE A 177 8.17 11.59 -15.98
C ILE A 177 7.89 10.21 -15.40
N PHE A 178 7.93 10.08 -14.07
CA PHE A 178 7.68 8.84 -13.38
C PHE A 178 6.51 8.95 -12.41
N LYS A 179 5.60 7.97 -12.43
CA LYS A 179 4.50 7.89 -11.48
C LYS A 179 5.03 7.06 -10.31
N ILE A 180 5.33 7.71 -9.19
CA ILE A 180 5.92 7.04 -8.02
C ILE A 180 4.83 6.74 -6.96
N GLU A 181 4.68 5.43 -6.63
CA GLU A 181 3.74 4.90 -5.64
C GLU A 181 4.50 4.40 -4.40
N ARG A 182 4.73 5.30 -3.44
CA ARG A 182 5.42 5.04 -2.17
C ARG A 182 4.65 3.98 -1.36
N GLU A 183 5.36 2.98 -0.84
CA GLU A 183 4.76 1.89 -0.06
C GLU A 183 4.28 2.42 1.30
N GLY A 184 3.02 2.12 1.62
CA GLY A 184 2.36 2.53 2.87
C GLY A 184 2.01 4.00 3.01
N GLU A 185 2.11 4.77 1.91
CA GLU A 185 1.81 6.21 1.91
C GLU A 185 0.32 6.47 1.73
N CYS A 186 -0.35 5.66 0.89
CA CYS A 186 -1.78 5.81 0.57
C CYS A 186 -2.66 5.64 1.82
N GLN A 187 -2.41 4.61 2.66
CA GLN A 187 -3.15 4.35 3.90
C GLN A 187 -2.82 5.42 4.95
N ARG A 188 -1.64 6.04 4.85
CA ARG A 188 -1.21 7.13 5.74
C ARG A 188 -1.94 8.44 5.36
N TYR A 189 -2.12 8.70 4.04
CA TYR A 189 -2.76 9.90 3.46
C TYR A 189 -4.29 9.85 3.55
N LYS A 190 -4.87 8.64 3.66
CA LYS A 190 -6.29 8.33 3.75
C LYS A 190 -7.15 9.36 4.57
N PRO A 191 -6.84 9.75 5.83
CA PRO A 191 -7.75 10.66 6.56
C PRO A 191 -7.73 12.10 6.02
N PHE A 192 -6.59 12.53 5.47
CA PHE A 192 -6.41 13.88 4.95
C PHE A 192 -7.00 14.02 3.55
N LYS A 193 -7.47 12.92 2.95
CA LYS A 193 -8.07 12.96 1.62
C LYS A 193 -9.46 13.59 1.67
N GLN A 194 -10.07 13.65 2.87
CA GLN A 194 -11.41 14.23 3.09
C GLN A 194 -11.35 15.76 3.25
N LEU A 195 -10.13 16.30 3.39
CA LEU A 195 -9.87 17.73 3.49
C LEU A 195 -10.13 18.40 2.14
N HIS A 196 -10.57 19.65 2.16
CA HIS A 196 -10.78 20.42 0.93
C HIS A 196 -9.44 20.96 0.45
N ASN A 197 -9.43 21.78 -0.63
CA ASN A 197 -8.26 22.45 -1.17
C ASN A 197 -7.02 21.52 -1.28
N ARG A 198 -7.17 20.38 -1.97
CA ARG A 198 -6.06 19.45 -2.20
C ARG A 198 -5.35 19.89 -3.47
N ARG A 199 -4.09 20.32 -3.38
CA ARG A 199 -3.36 20.82 -4.54
C ARG A 199 -2.17 19.96 -4.91
N LEU A 200 -1.78 20.00 -6.20
CA LEU A 200 -0.62 19.29 -6.75
C LEU A 200 0.54 20.30 -6.87
N LEU A 201 1.47 20.25 -5.90
CA LEU A 201 2.60 21.17 -5.77
C LEU A 201 3.96 20.48 -5.95
N TRP A 202 5.01 21.30 -6.15
CA TRP A 202 6.39 20.88 -6.36
C TRP A 202 7.21 20.81 -5.09
N HIS A 203 8.17 19.88 -5.05
CA HIS A 203 9.17 19.77 -4.00
C HIS A 203 10.50 19.40 -4.64
N GLY A 204 11.40 20.38 -4.71
CA GLY A 204 12.73 20.20 -5.27
C GLY A 204 13.74 19.90 -4.19
N SER A 205 14.64 18.94 -4.44
CA SER A 205 15.71 18.56 -3.51
C SER A 205 16.94 18.08 -4.31
N ARG A 206 18.09 17.95 -3.62
CA ARG A 206 19.35 17.49 -4.23
C ARG A 206 19.22 16.03 -4.68
N THR A 207 19.85 15.69 -5.80
CA THR A 207 19.85 14.37 -6.44
C THR A 207 20.28 13.23 -5.48
N THR A 208 21.14 13.51 -4.48
CA THR A 208 21.64 12.52 -3.51
C THR A 208 20.58 12.13 -2.45
N ASN A 209 19.76 13.10 -1.98
CA ASN A 209 18.73 12.90 -0.95
C ASN A 209 17.64 11.89 -1.35
N PHE A 210 17.27 11.84 -2.64
CA PHE A 210 16.19 11.04 -3.25
C PHE A 210 16.19 9.56 -2.90
N ALA A 211 17.33 8.97 -2.47
CA ALA A 211 17.35 7.57 -2.05
C ALA A 211 16.63 7.44 -0.69
N GLY A 212 16.75 8.46 0.16
CA GLY A 212 16.09 8.54 1.46
C GLY A 212 14.65 9.01 1.35
N ILE A 213 14.36 9.90 0.37
CA ILE A 213 13.03 10.46 0.10
C ILE A 213 12.08 9.36 -0.38
N LEU A 214 12.61 8.35 -1.08
CA LEU A 214 11.77 7.26 -1.59
C LEU A 214 11.56 6.15 -0.56
N SER A 215 12.50 5.96 0.38
CA SER A 215 12.36 4.92 1.40
C SER A 215 11.64 5.45 2.64
N GLN A 216 12.19 6.50 3.27
CA GLN A 216 11.63 7.11 4.47
C GLN A 216 10.46 8.05 4.14
N GLY A 217 10.49 8.61 2.94
CA GLY A 217 9.50 9.57 2.46
C GLY A 217 9.93 11.00 2.76
N LEU A 218 9.01 11.96 2.55
CA LEU A 218 9.24 13.37 2.86
C LEU A 218 9.01 13.57 4.36
N ARG A 219 10.04 14.08 5.06
CA ARG A 219 10.02 14.26 6.51
C ARG A 219 10.12 15.73 6.93
N ILE A 220 9.97 15.97 8.25
CA ILE A 220 10.09 17.26 8.94
C ILE A 220 11.41 17.21 9.74
N ALA A 221 12.08 18.37 9.91
CA ALA A 221 13.31 18.52 10.68
C ALA A 221 13.14 18.09 12.15
N PRO A 222 14.16 17.44 12.78
CA PRO A 222 14.00 16.97 14.16
C PRO A 222 13.97 18.11 15.20
N PRO A 223 13.52 17.87 16.48
CA PRO A 223 13.53 18.95 17.47
C PRO A 223 14.95 19.40 17.87
N GLU A 224 15.97 18.56 17.59
CA GLU A 224 17.39 18.83 17.84
C GLU A 224 17.89 19.99 16.99
N ALA A 225 17.45 20.03 15.71
CA ALA A 225 17.80 21.04 14.71
C ALA A 225 17.39 22.47 15.14
N PRO A 226 18.16 23.51 14.73
CA PRO A 226 17.79 24.89 15.09
C PRO A 226 16.65 25.41 14.20
N VAL A 227 15.73 26.20 14.79
CA VAL A 227 14.55 26.74 14.13
C VAL A 227 14.87 27.98 13.24
N THR A 228 16.01 28.68 13.48
CA THR A 228 16.44 29.90 12.77
C THR A 228 16.37 29.77 11.22
N GLY A 229 16.80 28.63 10.69
CA GLY A 229 16.84 28.35 9.26
C GLY A 229 15.53 28.23 8.49
N TYR A 230 14.40 28.05 9.21
CA TYR A 230 13.07 27.86 8.61
C TYR A 230 12.24 29.12 8.77
N MET A 231 11.72 29.66 7.65
CA MET A 231 10.95 30.90 7.61
C MET A 231 9.60 30.76 8.34
N PHE A 232 8.91 29.64 8.08
CA PHE A 232 7.60 29.34 8.65
C PHE A 232 7.68 28.10 9.57
N GLY A 233 8.78 27.98 10.31
CA GLY A 233 9.01 26.88 11.24
C GLY A 233 9.28 25.56 10.55
N LYS A 234 9.54 24.51 11.34
CA LYS A 234 9.82 23.18 10.82
C LYS A 234 8.55 22.50 10.31
N GLY A 235 8.56 22.17 9.02
CA GLY A 235 7.47 21.50 8.31
C GLY A 235 7.95 20.99 6.96
N ILE A 236 7.00 20.71 6.04
CA ILE A 236 7.32 20.26 4.68
C ILE A 236 6.94 21.40 3.72
N TYR A 237 7.96 22.00 3.09
CA TYR A 237 7.84 23.17 2.21
C TYR A 237 7.58 22.79 0.74
N PHE A 238 6.66 23.54 0.07
CA PHE A 238 6.25 23.36 -1.32
C PHE A 238 6.06 24.69 -2.03
N ALA A 239 6.01 24.66 -3.38
CA ALA A 239 5.79 25.85 -4.20
C ALA A 239 4.94 25.51 -5.43
N ASP A 240 4.30 26.53 -6.01
CA ASP A 240 3.47 26.40 -7.21
C ASP A 240 4.29 26.71 -8.47
N MET A 241 5.33 27.55 -8.33
CA MET A 241 6.25 27.91 -9.41
C MET A 241 7.39 26.88 -9.43
N VAL A 242 7.53 26.13 -10.56
CA VAL A 242 8.53 25.07 -10.74
C VAL A 242 9.97 25.60 -10.55
N SER A 243 10.26 26.83 -11.02
CA SER A 243 11.56 27.50 -10.94
C SER A 243 12.04 27.67 -9.49
N LYS A 244 11.10 27.91 -8.54
CA LYS A 244 11.40 28.07 -7.12
C LYS A 244 12.03 26.80 -6.57
N SER A 245 11.35 25.65 -6.73
CA SER A 245 11.82 24.33 -6.28
C SER A 245 13.05 23.87 -7.07
N ALA A 246 13.16 24.25 -8.36
CA ALA A 246 14.27 23.89 -9.25
C ALA A 246 15.61 24.45 -8.77
N ASN A 247 15.59 25.55 -7.99
CA ASN A 247 16.80 26.15 -7.45
C ASN A 247 17.37 25.31 -6.31
N TYR A 248 16.50 24.53 -5.64
CA TYR A 248 16.85 23.64 -4.53
C TYR A 248 17.43 22.30 -5.01
N CYS A 249 17.56 22.12 -6.35
CA CYS A 249 18.13 20.93 -6.98
C CYS A 249 19.65 20.93 -6.86
N HIS A 250 20.24 22.14 -6.75
CA HIS A 250 21.69 22.39 -6.64
C HIS A 250 22.39 21.77 -7.87
N THR A 251 21.92 22.17 -9.06
CA THR A 251 22.43 21.72 -10.35
C THR A 251 23.38 22.79 -10.91
N SER A 252 24.50 22.33 -11.46
CA SER A 252 25.55 23.19 -12.05
C SER A 252 25.75 22.89 -13.54
N GLN A 253 26.68 23.62 -14.20
CA GLN A 253 27.02 23.47 -15.61
C GLN A 253 27.64 22.08 -15.90
N GLY A 254 28.35 21.53 -14.91
CA GLY A 254 28.99 20.22 -14.98
C GLY A 254 27.96 19.09 -15.05
N ASP A 255 27.09 19.01 -14.05
CA ASP A 255 26.01 18.02 -13.99
C ASP A 255 24.67 18.78 -13.97
N PRO A 256 24.02 18.97 -15.14
CA PRO A 256 22.76 19.74 -15.16
C PRO A 256 21.51 18.90 -14.91
N ILE A 257 21.62 17.57 -14.80
CA ILE A 257 20.47 16.71 -14.58
C ILE A 257 20.08 16.73 -13.07
N GLY A 258 18.79 16.96 -12.81
CA GLY A 258 18.24 17.02 -11.47
C GLY A 258 16.88 16.35 -11.35
N LEU A 259 16.44 16.13 -10.10
CA LEU A 259 15.15 15.49 -9.83
C LEU A 259 14.24 16.38 -8.99
N ILE A 260 13.00 16.55 -9.44
CA ILE A 260 11.97 17.35 -8.79
C ILE A 260 10.73 16.48 -8.58
N LEU A 261 10.02 16.69 -7.47
CA LEU A 261 8.83 15.90 -7.16
C LEU A 261 7.53 16.67 -7.40
N LEU A 262 6.43 15.93 -7.43
CA LEU A 262 5.06 16.41 -7.53
C LEU A 262 4.24 15.59 -6.55
N GLY A 263 3.65 16.26 -5.57
CA GLY A 263 2.88 15.57 -4.55
C GLY A 263 1.52 16.16 -4.27
N GLU A 264 0.56 15.30 -3.93
CA GLU A 264 -0.79 15.73 -3.55
C GLU A 264 -0.69 16.24 -2.11
N VAL A 265 -0.88 17.56 -1.89
CA VAL A 265 -0.77 18.16 -0.55
C VAL A 265 -2.15 18.60 -0.06
N ALA A 266 -2.67 17.90 0.96
CA ALA A 266 -3.98 18.22 1.53
C ALA A 266 -3.84 19.46 2.44
N LEU A 267 -3.92 20.64 1.81
CA LEU A 267 -3.76 21.92 2.48
C LEU A 267 -4.98 22.28 3.34
N GLY A 268 -6.16 22.29 2.73
CA GLY A 268 -7.41 22.61 3.42
C GLY A 268 -7.46 24.04 3.92
N ASN A 269 -7.72 24.22 5.22
CA ASN A 269 -7.77 25.54 5.85
C ASN A 269 -6.37 26.13 5.90
N MET A 270 -6.10 27.10 5.02
CA MET A 270 -4.79 27.74 4.87
C MET A 270 -4.63 28.96 5.73
N TYR A 271 -3.47 29.06 6.40
CA TYR A 271 -3.10 30.19 7.25
C TYR A 271 -2.19 31.09 6.41
N GLU A 272 -2.81 32.08 5.75
CA GLU A 272 -2.17 33.06 4.86
C GLU A 272 -1.26 34.01 5.65
N LEU A 273 0.04 34.01 5.33
CA LEU A 273 1.02 34.85 6.01
C LEU A 273 1.86 35.66 5.03
N LYS A 274 2.06 36.97 5.34
CA LYS A 274 2.85 37.92 4.55
C LYS A 274 4.32 37.87 4.97
N HIS A 275 4.57 37.86 6.29
CA HIS A 275 5.89 37.83 6.94
C HIS A 275 6.24 36.43 7.45
N SER A 280 4.29 30.88 16.71
CA SER A 280 3.71 29.82 17.53
C SER A 280 3.38 28.61 16.65
N LYS A 281 2.26 27.89 16.92
CA LYS A 281 1.83 26.73 16.11
C LYS A 281 0.34 26.80 15.75
N LEU A 282 0.01 26.31 14.53
CA LEU A 282 -1.26 26.31 13.80
C LEU A 282 -2.53 26.47 14.66
N PRO A 283 -3.32 27.54 14.38
CA PRO A 283 -4.56 27.79 15.14
C PRO A 283 -5.55 26.65 15.01
N LYS A 284 -6.29 26.37 16.12
CA LYS A 284 -7.30 25.31 16.17
C LYS A 284 -8.37 25.58 15.13
N GLY A 285 -8.23 24.90 14.00
CA GLY A 285 -9.09 25.01 12.84
C GLY A 285 -8.37 25.02 11.51
N LYS A 286 -7.09 25.49 11.50
CA LYS A 286 -6.27 25.55 10.27
C LYS A 286 -5.51 24.24 10.09
N HIS A 287 -5.11 23.91 8.83
CA HIS A 287 -4.43 22.66 8.52
C HIS A 287 -3.10 22.84 7.74
N SER A 288 -2.84 24.07 7.23
CA SER A 288 -1.62 24.41 6.46
C SER A 288 -1.29 25.91 6.52
N VAL A 289 -0.08 26.31 6.06
CA VAL A 289 0.37 27.71 6.02
C VAL A 289 0.68 28.10 4.58
N LYS A 290 0.19 29.27 4.14
CA LYS A 290 0.46 29.77 2.80
C LYS A 290 1.19 31.09 2.86
N GLY A 291 2.48 31.02 2.60
CA GLY A 291 3.34 32.19 2.53
C GLY A 291 3.08 32.85 1.19
N LEU A 292 2.30 33.96 1.21
CA LEU A 292 1.91 34.70 0.01
C LEU A 292 3.13 35.35 -0.66
N GLY A 293 3.16 35.29 -1.99
CA GLY A 293 4.25 35.85 -2.78
C GLY A 293 3.86 36.99 -3.70
N LYS A 294 4.85 37.49 -4.47
CA LYS A 294 4.66 38.59 -5.42
C LYS A 294 3.93 38.12 -6.68
N THR A 295 4.29 36.93 -7.20
CA THR A 295 3.72 36.35 -8.41
C THR A 295 3.04 35.00 -8.10
N THR A 296 1.81 34.81 -8.62
CA THR A 296 0.99 33.62 -8.47
C THR A 296 0.56 33.09 -9.87
N PRO A 297 0.53 31.76 -10.11
CA PRO A 297 0.08 31.28 -11.43
C PRO A 297 -1.40 31.63 -11.66
N ASP A 298 -1.72 32.16 -12.87
CA ASP A 298 -3.04 32.62 -13.30
C ASP A 298 -4.19 31.70 -12.80
N PRO A 299 -5.09 32.22 -11.95
CA PRO A 299 -6.18 31.38 -11.41
C PRO A 299 -7.27 31.04 -12.44
N SER A 300 -7.41 31.85 -13.51
CA SER A 300 -8.39 31.61 -14.57
C SER A 300 -7.92 30.47 -15.50
N ALA A 301 -6.64 30.05 -15.34
CA ALA A 301 -5.99 28.97 -16.08
C ALA A 301 -5.61 27.81 -15.12
N ASN A 302 -6.53 27.51 -14.19
CA ASN A 302 -6.36 26.45 -13.19
C ASN A 302 -7.20 25.21 -13.55
N ILE A 303 -6.52 24.06 -13.70
CA ILE A 303 -7.11 22.76 -14.03
C ILE A 303 -7.27 21.93 -12.75
N SER A 304 -8.47 21.35 -12.53
CA SER A 304 -8.79 20.53 -11.36
C SER A 304 -8.81 19.05 -11.74
N LEU A 305 -7.62 18.48 -12.00
CA LEU A 305 -7.39 17.09 -12.39
C LEU A 305 -7.51 16.14 -11.17
N ASP A 306 -8.41 15.13 -11.26
CA ASP A 306 -8.71 14.11 -10.23
C ASP A 306 -9.24 14.74 -8.93
N GLY A 307 -9.86 15.91 -9.03
CA GLY A 307 -10.37 16.66 -7.88
C GLY A 307 -9.27 17.30 -7.06
N VAL A 308 -8.08 17.46 -7.69
CA VAL A 308 -6.87 18.03 -7.13
C VAL A 308 -6.48 19.22 -7.99
N ASP A 309 -6.39 20.41 -7.39
CA ASP A 309 -6.04 21.65 -8.10
C ASP A 309 -4.60 21.59 -8.63
N VAL A 310 -4.42 21.95 -9.91
CA VAL A 310 -3.12 21.95 -10.58
C VAL A 310 -2.91 23.38 -11.13
N PRO A 311 -2.17 24.27 -10.44
CA PRO A 311 -2.03 25.66 -10.94
C PRO A 311 -0.98 25.80 -12.04
N LEU A 312 -1.31 25.29 -13.24
CA LEU A 312 -0.40 25.31 -14.40
C LEU A 312 -0.51 26.59 -15.26
N GLY A 313 -1.12 27.66 -14.72
CA GLY A 313 -1.25 28.93 -15.42
C GLY A 313 0.04 29.72 -15.43
N THR A 314 0.12 30.76 -16.29
CA THR A 314 1.33 31.61 -16.35
C THR A 314 1.31 32.58 -15.17
N GLY A 315 2.50 32.92 -14.68
CA GLY A 315 2.70 33.81 -13.54
C GLY A 315 2.22 35.24 -13.71
N ILE A 316 1.25 35.65 -12.86
CA ILE A 316 0.70 37.01 -12.79
C ILE A 316 0.88 37.55 -11.37
N SER A 317 0.91 38.88 -11.21
CA SER A 317 1.08 39.50 -9.89
C SER A 317 -0.13 39.22 -9.00
N SER A 318 0.13 39.08 -7.68
CA SER A 318 -0.81 38.81 -6.58
C SER A 318 -2.00 39.79 -6.57
N ASP A 322 4.28 44.82 -0.05
CA ASP A 322 3.57 44.32 1.14
C ASP A 322 4.03 42.88 1.49
N THR A 323 4.17 42.00 0.48
CA THR A 323 4.62 40.61 0.60
C THR A 323 6.15 40.53 0.63
N SER A 324 6.68 39.86 1.67
CA SER A 324 8.11 39.69 1.91
C SER A 324 8.67 38.45 1.20
N LEU A 325 7.93 37.89 0.22
CA LEU A 325 8.35 36.67 -0.48
C LEU A 325 8.53 36.82 -1.99
N LEU A 326 9.27 35.85 -2.58
CA LEU A 326 9.54 35.68 -4.01
C LEU A 326 8.21 35.34 -4.69
N TYR A 327 7.78 34.08 -4.49
CA TYR A 327 6.54 33.49 -4.98
C TYR A 327 5.84 32.80 -3.80
N ASN A 328 4.75 32.08 -4.05
CA ASN A 328 3.99 31.43 -2.97
C ASN A 328 4.74 30.24 -2.38
N GLU A 329 4.53 30.03 -1.07
CA GLU A 329 5.10 28.94 -0.29
C GLU A 329 3.98 28.19 0.44
N TYR A 330 3.97 26.85 0.36
CA TYR A 330 2.96 26.03 1.00
C TYR A 330 3.63 25.09 1.99
N ILE A 331 3.31 25.26 3.28
CA ILE A 331 3.93 24.50 4.36
C ILE A 331 2.88 23.73 5.16
N VAL A 332 3.10 22.41 5.30
CA VAL A 332 2.28 21.48 6.09
C VAL A 332 3.16 20.96 7.22
N TYR A 333 2.58 20.75 8.41
CA TYR A 333 3.35 20.36 9.59
C TYR A 333 3.09 18.89 10.03
N ASP A 334 2.45 18.10 9.17
CA ASP A 334 2.15 16.67 9.35
C ASP A 334 2.67 15.93 8.13
N ILE A 335 3.50 14.89 8.34
CA ILE A 335 4.09 14.09 7.26
C ILE A 335 3.01 13.38 6.42
N ALA A 336 1.87 13.02 7.04
CA ALA A 336 0.78 12.30 6.37
C ALA A 336 -0.04 13.17 5.40
N GLN A 337 0.00 14.52 5.55
CA GLN A 337 -0.73 15.44 4.66
C GLN A 337 -0.21 15.42 3.22
N VAL A 338 0.95 14.77 2.99
CA VAL A 338 1.65 14.67 1.70
C VAL A 338 1.48 13.27 1.10
N ASN A 339 1.23 13.23 -0.21
CA ASN A 339 1.12 12.00 -1.00
C ASN A 339 1.86 12.20 -2.31
N LEU A 340 3.17 11.85 -2.33
CA LEU A 340 4.06 11.95 -3.48
C LEU A 340 3.50 11.15 -4.64
N LYS A 341 3.14 11.84 -5.73
CA LYS A 341 2.50 11.24 -6.89
C LYS A 341 3.42 11.05 -8.09
N TYR A 342 4.23 12.09 -8.44
CA TYR A 342 5.11 12.04 -9.61
C TYR A 342 6.56 12.38 -9.29
N LEU A 343 7.44 12.14 -10.27
CA LEU A 343 8.88 12.42 -10.23
C LEU A 343 9.33 12.85 -11.63
N LEU A 344 10.13 13.92 -11.70
CA LEU A 344 10.57 14.44 -12.99
C LEU A 344 12.09 14.52 -13.06
N LYS A 345 12.67 13.93 -14.12
CA LYS A 345 14.10 13.96 -14.43
C LYS A 345 14.29 15.17 -15.35
N LEU A 346 14.76 16.30 -14.78
CA LEU A 346 14.88 17.55 -15.53
C LEU A 346 16.29 17.87 -16.00
N LYS A 347 16.37 18.55 -17.16
CA LYS A 347 17.59 19.04 -17.79
C LYS A 347 17.62 20.55 -17.66
N PHE A 348 18.74 21.09 -17.16
CA PHE A 348 18.91 22.52 -16.93
C PHE A 348 19.81 23.13 -18.00
N ASN A 349 19.33 24.20 -18.66
CA ASN A 349 20.04 24.95 -19.69
C ASN A 349 20.69 26.19 -19.06
N PHE A 350 21.97 26.47 -19.32
CA PHE A 350 22.60 27.65 -18.74
C PHE A 350 23.03 28.63 -19.84
N LYS A 351 22.41 29.81 -19.79
CA LYS A 351 22.53 30.93 -20.72
C LYS A 351 23.81 31.72 -20.46
N LYS B 3 14.20 -11.08 19.94
CA LYS B 3 12.95 -10.90 20.68
C LYS B 3 12.03 -9.92 19.95
N SER B 4 10.73 -10.23 19.92
CA SER B 4 9.69 -9.42 19.25
C SER B 4 8.85 -8.60 20.24
N LYS B 5 8.22 -7.53 19.73
CA LYS B 5 7.35 -6.66 20.52
C LYS B 5 5.89 -6.72 20.03
N LEU B 6 5.59 -7.59 19.02
CA LEU B 6 4.25 -7.81 18.48
C LEU B 6 3.31 -8.40 19.56
N PRO B 7 2.00 -8.00 19.60
CA PRO B 7 1.10 -8.54 20.64
C PRO B 7 0.88 -10.05 20.50
N LYS B 8 0.62 -10.73 21.64
CA LYS B 8 0.39 -12.17 21.71
C LYS B 8 -0.72 -12.66 20.74
N PRO B 9 -1.94 -12.02 20.61
CA PRO B 9 -2.92 -12.52 19.64
C PRO B 9 -2.41 -12.49 18.19
N VAL B 10 -1.54 -11.51 17.86
CA VAL B 10 -0.93 -11.38 16.52
C VAL B 10 0.17 -12.45 16.39
N GLN B 11 1.09 -12.55 17.38
CA GLN B 11 2.20 -13.52 17.41
C GLN B 11 1.70 -14.94 17.21
N ASP B 12 0.61 -15.34 17.89
CA ASP B 12 0.01 -16.68 17.78
C ASP B 12 -0.72 -16.86 16.44
N LEU B 13 -1.26 -15.76 15.84
CA LEU B 13 -1.95 -15.79 14.54
C LEU B 13 -0.93 -16.11 13.41
N ILE B 14 0.29 -15.52 13.51
CA ILE B 14 1.38 -15.72 12.54
C ILE B 14 1.82 -17.21 12.58
N LYS B 15 1.87 -17.81 13.79
CA LYS B 15 2.22 -19.23 14.01
C LYS B 15 1.16 -20.14 13.39
N MET B 16 -0.13 -19.73 13.49
CA MET B 16 -1.31 -20.43 13.00
C MET B 16 -1.41 -20.45 11.47
N ILE B 17 -1.29 -19.29 10.80
CA ILE B 17 -1.44 -19.17 9.34
C ILE B 17 -0.25 -19.80 8.59
N PHE B 18 0.94 -19.90 9.24
CA PHE B 18 2.17 -20.46 8.66
C PHE B 18 2.56 -21.81 9.28
N ASP B 19 1.60 -22.54 9.87
CA ASP B 19 1.83 -23.86 10.48
C ASP B 19 2.12 -24.89 9.38
N VAL B 20 3.38 -25.38 9.35
CA VAL B 20 3.90 -26.36 8.38
C VAL B 20 3.18 -27.71 8.55
N GLU B 21 2.89 -28.11 9.81
CA GLU B 21 2.21 -29.35 10.13
C GLU B 21 0.74 -29.33 9.66
N SER B 22 0.06 -28.16 9.72
CA SER B 22 -1.33 -27.98 9.27
C SER B 22 -1.44 -28.18 7.76
N MET B 23 -0.39 -27.80 7.02
CA MET B 23 -0.27 -27.95 5.56
C MET B 23 -0.13 -29.43 5.22
N LYS B 24 0.74 -30.15 5.98
CA LYS B 24 1.03 -31.57 5.90
C LYS B 24 -0.22 -32.40 6.26
N LYS B 25 -0.98 -31.96 7.28
CA LYS B 25 -2.21 -32.61 7.74
C LYS B 25 -3.33 -32.48 6.70
N ALA B 26 -3.37 -31.36 5.96
CA ALA B 26 -4.36 -31.15 4.89
C ALA B 26 -4.00 -32.01 3.68
N MET B 27 -2.68 -32.20 3.45
CA MET B 27 -2.12 -33.01 2.37
C MET B 27 -2.42 -34.50 2.58
N VAL B 28 -2.37 -34.99 3.83
CA VAL B 28 -2.70 -36.39 4.12
C VAL B 28 -4.25 -36.57 4.12
N GLU B 29 -4.99 -35.47 4.38
CA GLU B 29 -6.45 -35.42 4.35
C GLU B 29 -6.93 -35.47 2.90
N TYR B 30 -6.25 -34.72 2.00
CA TYR B 30 -6.55 -34.66 0.56
C TYR B 30 -6.03 -35.89 -0.20
N GLU B 31 -5.66 -36.97 0.55
CA GLU B 31 -5.18 -38.29 0.07
C GLU B 31 -3.87 -38.23 -0.74
N ILE B 32 -3.26 -37.03 -0.91
CA ILE B 32 -2.03 -36.81 -1.68
C ILE B 32 -0.85 -37.62 -1.09
N ASP B 33 -0.17 -38.40 -1.96
CA ASP B 33 0.98 -39.22 -1.60
C ASP B 33 2.20 -38.31 -1.36
N LEU B 34 2.49 -38.01 -0.08
CA LEU B 34 3.59 -37.12 0.34
C LEU B 34 5.00 -37.73 0.15
N GLN B 35 5.08 -39.01 -0.26
CA GLN B 35 6.34 -39.70 -0.50
C GLN B 35 6.84 -39.44 -1.93
N LYS B 36 5.93 -39.50 -2.94
CA LYS B 36 6.26 -39.25 -4.35
C LYS B 36 6.26 -37.74 -4.66
N MET B 37 5.54 -36.93 -3.85
CA MET B 37 5.52 -35.49 -3.98
C MET B 37 5.47 -34.84 -2.58
N PRO B 38 6.63 -34.38 -2.05
CA PRO B 38 6.61 -33.72 -0.73
C PRO B 38 6.02 -32.30 -0.78
N LEU B 39 5.97 -31.63 0.38
CA LEU B 39 5.47 -30.27 0.54
C LEU B 39 6.31 -29.24 -0.25
N GLY B 40 7.63 -29.47 -0.27
CA GLY B 40 8.60 -28.62 -0.96
C GLY B 40 8.55 -28.67 -2.46
N LYS B 41 8.56 -29.90 -3.04
CA LYS B 41 8.53 -30.12 -4.49
C LYS B 41 7.17 -29.79 -5.13
N LEU B 42 6.27 -29.11 -4.39
CA LEU B 42 4.97 -28.67 -4.89
C LEU B 42 5.19 -27.37 -5.70
N SER B 43 4.76 -27.37 -6.99
CA SER B 43 4.92 -26.24 -7.90
C SER B 43 3.60 -25.78 -8.53
N LYS B 44 3.46 -24.45 -8.70
CA LYS B 44 2.32 -23.74 -9.29
C LYS B 44 2.04 -24.18 -10.75
N ARG B 45 3.10 -24.56 -11.48
CA ARG B 45 3.00 -25.01 -12.87
C ARG B 45 2.24 -26.34 -12.94
N GLN B 46 2.47 -27.25 -11.96
CA GLN B 46 1.81 -28.54 -11.88
C GLN B 46 0.37 -28.42 -11.39
N ILE B 47 0.05 -27.32 -10.68
CA ILE B 47 -1.29 -27.06 -10.14
C ILE B 47 -2.15 -26.50 -11.29
N GLN B 48 -1.63 -25.48 -12.02
CA GLN B 48 -2.29 -24.84 -13.17
C GLN B 48 -2.50 -25.88 -14.31
N ALA B 49 -1.56 -26.83 -14.45
CA ALA B 49 -1.64 -27.90 -15.45
C ALA B 49 -2.75 -28.88 -15.10
N ALA B 50 -2.89 -29.21 -13.78
CA ALA B 50 -3.92 -30.12 -13.27
C ALA B 50 -5.32 -29.57 -13.52
N TYR B 51 -5.48 -28.23 -13.44
CA TYR B 51 -6.73 -27.49 -13.71
C TYR B 51 -7.19 -27.69 -15.16
N SER B 52 -6.27 -27.46 -16.13
CA SER B 52 -6.52 -27.57 -17.56
C SER B 52 -6.94 -29.00 -17.94
N ILE B 53 -6.46 -29.99 -17.16
CA ILE B 53 -6.78 -31.41 -17.35
C ILE B 53 -8.13 -31.68 -16.67
N LEU B 54 -8.41 -31.00 -15.54
CA LEU B 54 -9.67 -31.10 -14.78
C LEU B 54 -10.84 -30.51 -15.57
N SER B 55 -10.56 -29.47 -16.36
CA SER B 55 -11.55 -28.83 -17.23
C SER B 55 -11.86 -29.74 -18.42
N GLU B 56 -10.86 -30.54 -18.87
CA GLU B 56 -10.99 -31.46 -20.00
C GLU B 56 -11.90 -32.63 -19.64
N VAL B 57 -11.95 -33.02 -18.35
CA VAL B 57 -12.83 -34.08 -17.83
C VAL B 57 -14.27 -33.53 -17.83
N GLN B 58 -14.43 -32.24 -17.48
CA GLN B 58 -15.72 -31.54 -17.47
C GLN B 58 -16.21 -31.35 -18.92
N GLN B 59 -15.28 -31.06 -19.86
CA GLN B 59 -15.57 -30.88 -21.29
C GLN B 59 -15.88 -32.21 -21.97
N ALA B 60 -15.38 -33.33 -21.41
CA ALA B 60 -15.62 -34.68 -21.92
C ALA B 60 -17.08 -35.11 -21.68
N VAL B 61 -17.67 -34.69 -20.55
CA VAL B 61 -19.06 -35.00 -20.16
C VAL B 61 -20.03 -34.17 -21.05
N SER B 62 -19.65 -32.89 -21.33
CA SER B 62 -20.39 -31.91 -22.14
C SER B 62 -20.83 -32.51 -23.49
N GLN B 63 -19.90 -33.14 -24.21
CA GLN B 63 -20.21 -33.79 -25.49
C GLN B 63 -20.75 -35.19 -25.23
N GLY B 64 -20.27 -35.81 -24.15
CA GLY B 64 -20.61 -37.18 -23.78
C GLY B 64 -19.75 -38.14 -24.58
N SER B 65 -18.49 -37.71 -24.85
CA SER B 65 -17.44 -38.40 -25.63
C SER B 65 -17.07 -39.78 -25.04
N SER B 66 -16.34 -40.60 -25.84
CA SER B 66 -15.88 -41.95 -25.53
C SER B 66 -15.53 -42.14 -24.04
N ASP B 67 -16.13 -43.16 -23.41
CA ASP B 67 -15.94 -43.49 -21.98
C ASP B 67 -14.48 -43.86 -21.67
N SER B 68 -13.80 -44.51 -22.63
CA SER B 68 -12.39 -44.88 -22.54
C SER B 68 -11.49 -43.64 -22.46
N GLN B 69 -11.85 -42.57 -23.22
CA GLN B 69 -11.12 -41.30 -23.28
C GLN B 69 -11.22 -40.50 -21.97
N ILE B 70 -12.25 -40.78 -21.12
CA ILE B 70 -12.41 -40.10 -19.83
C ILE B 70 -11.31 -40.65 -18.89
N LEU B 71 -10.95 -41.95 -19.02
CA LEU B 71 -9.88 -42.57 -18.22
C LEU B 71 -8.51 -41.98 -18.60
N ASP B 72 -8.34 -41.61 -19.89
CA ASP B 72 -7.13 -41.00 -20.45
C ASP B 72 -6.78 -39.67 -19.78
N LEU B 73 -7.80 -38.95 -19.30
CA LEU B 73 -7.69 -37.65 -18.63
C LEU B 73 -7.60 -37.79 -17.10
N SER B 74 -8.38 -38.76 -16.54
CA SER B 74 -8.40 -39.07 -15.10
C SER B 74 -7.03 -39.57 -14.65
N ASN B 75 -6.49 -40.62 -15.31
CA ASN B 75 -5.17 -41.20 -15.02
C ASN B 75 -4.05 -40.18 -15.24
N ARG B 76 -4.25 -39.22 -16.17
CA ARG B 76 -3.32 -38.14 -16.48
C ARG B 76 -3.25 -37.13 -15.33
N PHE B 77 -4.37 -36.92 -14.61
CA PHE B 77 -4.45 -35.98 -13.50
C PHE B 77 -3.74 -36.55 -12.28
N TYR B 78 -3.95 -37.86 -12.00
CA TYR B 78 -3.34 -38.55 -10.87
C TYR B 78 -1.82 -38.76 -11.11
N THR B 79 -1.37 -38.56 -12.35
CA THR B 79 0.04 -38.62 -12.75
C THR B 79 0.70 -37.32 -12.25
N LEU B 80 -0.01 -36.18 -12.43
CA LEU B 80 0.40 -34.85 -11.98
C LEU B 80 0.36 -34.77 -10.46
N ILE B 81 -0.80 -35.14 -9.87
CA ILE B 81 -1.07 -35.11 -8.43
C ILE B 81 -1.11 -36.57 -7.91
N PRO B 82 0.01 -37.14 -7.40
CA PRO B 82 -0.02 -38.54 -6.94
C PRO B 82 -0.76 -38.68 -5.62
N HIS B 83 -1.59 -39.73 -5.51
CA HIS B 83 -2.38 -39.99 -4.30
C HIS B 83 -2.05 -41.37 -3.68
N ASP B 84 -2.57 -41.62 -2.44
CA ASP B 84 -2.44 -42.82 -1.61
C ASP B 84 -0.99 -43.22 -1.38
N PRO B 91 -10.15 -43.35 -7.08
CA PRO B 91 -11.29 -42.46 -7.34
C PRO B 91 -11.35 -42.04 -8.80
N LEU B 92 -12.42 -42.48 -9.51
CA LEU B 92 -12.61 -42.17 -10.93
C LEU B 92 -13.26 -40.80 -11.10
N LEU B 93 -12.66 -39.98 -11.98
CA LEU B 93 -13.16 -38.64 -12.29
C LEU B 93 -13.89 -38.68 -13.61
N ASN B 94 -15.23 -38.70 -13.54
CA ASN B 94 -16.15 -38.74 -14.66
C ASN B 94 -17.39 -37.93 -14.32
N ASN B 95 -17.76 -37.92 -13.02
CA ASN B 95 -18.91 -37.17 -12.47
C ASN B 95 -18.57 -35.69 -12.37
N ALA B 96 -19.60 -34.81 -12.40
CA ALA B 96 -19.43 -33.36 -12.27
C ALA B 96 -19.02 -32.97 -10.85
N ASP B 97 -19.61 -33.66 -9.84
CA ASP B 97 -19.34 -33.45 -8.41
C ASP B 97 -17.92 -33.91 -8.06
N SER B 98 -17.42 -34.95 -8.75
CA SER B 98 -16.07 -35.50 -8.57
C SER B 98 -15.02 -34.52 -9.13
N VAL B 99 -15.40 -33.70 -10.14
CA VAL B 99 -14.53 -32.69 -10.75
C VAL B 99 -14.41 -31.55 -9.75
N GLN B 100 -15.58 -31.06 -9.25
CA GLN B 100 -15.74 -29.98 -8.25
C GLN B 100 -14.94 -30.25 -6.98
N ALA B 101 -14.83 -31.54 -6.58
CA ALA B 101 -14.09 -31.99 -5.39
C ALA B 101 -12.59 -31.73 -5.55
N LYS B 102 -12.03 -32.05 -6.73
CA LYS B 102 -10.62 -31.82 -7.04
C LYS B 102 -10.37 -30.34 -7.35
N ALA B 103 -11.43 -29.59 -7.78
CA ALA B 103 -11.37 -28.15 -8.06
C ALA B 103 -11.12 -27.38 -6.77
N GLU B 104 -11.86 -27.73 -5.68
CA GLU B 104 -11.72 -27.14 -4.35
C GLU B 104 -10.35 -27.48 -3.75
N MET B 105 -9.83 -28.69 -4.06
CA MET B 105 -8.52 -29.18 -3.61
C MET B 105 -7.41 -28.31 -4.21
N LEU B 106 -7.46 -28.06 -5.53
CA LEU B 106 -6.46 -27.24 -6.25
C LEU B 106 -6.58 -25.77 -5.86
N ASP B 107 -7.79 -25.31 -5.50
CA ASP B 107 -8.04 -23.95 -5.01
C ASP B 107 -7.39 -23.76 -3.64
N ASN B 108 -7.26 -24.86 -2.87
CA ASN B 108 -6.66 -24.90 -1.53
C ASN B 108 -5.15 -25.14 -1.59
N LEU B 109 -4.69 -26.05 -2.49
CA LEU B 109 -3.30 -26.43 -2.67
C LEU B 109 -2.42 -25.26 -3.12
N LEU B 110 -2.96 -24.41 -4.01
CA LEU B 110 -2.26 -23.23 -4.54
C LEU B 110 -1.95 -22.22 -3.43
N ASP B 111 -2.88 -22.05 -2.46
CA ASP B 111 -2.73 -21.12 -1.33
C ASP B 111 -1.77 -21.69 -0.26
N ILE B 112 -1.40 -22.98 -0.39
CA ILE B 112 -0.43 -23.68 0.48
C ILE B 112 0.96 -23.55 -0.19
N GLU B 113 1.00 -23.62 -1.55
CA GLU B 113 2.22 -23.45 -2.34
C GLU B 113 2.75 -22.04 -2.15
N VAL B 114 1.82 -21.05 -2.07
CA VAL B 114 2.11 -19.63 -1.85
C VAL B 114 2.62 -19.44 -0.41
N ALA B 115 1.96 -20.09 0.58
CA ALA B 115 2.29 -20.04 1.99
C ALA B 115 3.72 -20.53 2.27
N TYR B 116 4.08 -21.72 1.73
CA TYR B 116 5.39 -22.33 1.90
C TYR B 116 6.46 -21.61 1.06
N SER B 117 6.06 -20.88 0.00
CA SER B 117 7.00 -20.13 -0.84
C SER B 117 7.53 -18.92 -0.06
N LEU B 118 6.63 -18.21 0.64
CA LEU B 118 6.95 -17.05 1.46
C LEU B 118 7.80 -17.46 2.66
N LEU B 119 7.44 -18.60 3.28
CA LEU B 119 8.08 -19.18 4.45
C LEU B 119 9.53 -19.65 4.19
N ARG B 120 9.86 -20.14 2.97
CA ARG B 120 11.23 -20.62 2.72
C ARG B 120 12.04 -19.66 1.82
N GLY B 121 11.39 -19.12 0.78
CA GLY B 121 12.03 -18.19 -0.16
C GLY B 121 12.18 -16.79 0.41
N LYS B 128 17.73 -11.24 15.87
CA LYS B 128 16.98 -11.44 14.64
C LYS B 128 15.87 -12.50 14.86
N ASP B 129 14.68 -12.04 15.33
CA ASP B 129 13.52 -12.88 15.62
C ASP B 129 12.91 -13.47 14.33
N PRO B 130 12.40 -14.74 14.32
CA PRO B 130 11.83 -15.27 13.05
C PRO B 130 10.38 -14.87 12.79
N ILE B 131 9.57 -14.69 13.85
CA ILE B 131 8.15 -14.32 13.79
C ILE B 131 7.97 -12.95 13.11
N ASP B 132 8.84 -11.98 13.43
CA ASP B 132 8.81 -10.62 12.87
C ASP B 132 9.03 -10.63 11.36
N VAL B 133 9.94 -11.51 10.86
CA VAL B 133 10.25 -11.63 9.43
C VAL B 133 9.01 -12.15 8.68
N ASN B 134 8.27 -13.13 9.26
CA ASN B 134 7.06 -13.71 8.69
C ASN B 134 5.91 -12.70 8.59
N TYR B 135 5.75 -11.83 9.61
CA TYR B 135 4.74 -10.76 9.65
C TYR B 135 4.98 -9.79 8.49
N GLU B 136 6.25 -9.40 8.28
CA GLU B 136 6.68 -8.49 7.22
C GLU B 136 6.68 -9.17 5.85
N LYS B 137 6.80 -10.52 5.82
CA LYS B 137 6.78 -11.32 4.59
C LYS B 137 5.39 -11.28 3.93
N LEU B 138 4.30 -11.27 4.74
CA LEU B 138 2.93 -11.24 4.22
C LEU B 138 2.44 -9.80 3.92
N LYS B 139 3.34 -8.79 4.05
CA LYS B 139 3.16 -7.37 3.70
C LYS B 139 1.73 -6.88 3.99
N THR B 140 1.41 -6.79 5.29
CA THR B 140 0.11 -6.39 5.84
C THR B 140 0.31 -5.85 7.27
N ASP B 141 -0.53 -4.87 7.66
CA ASP B 141 -0.53 -4.30 9.01
C ASP B 141 -1.68 -4.95 9.78
N ILE B 142 -1.36 -5.74 10.83
CA ILE B 142 -2.37 -6.45 11.63
C ILE B 142 -2.37 -5.85 13.05
N LYS B 143 -3.39 -5.05 13.36
CA LYS B 143 -3.59 -4.39 14.66
C LYS B 143 -4.71 -5.08 15.44
N VAL B 144 -4.49 -5.35 16.74
CA VAL B 144 -5.51 -6.02 17.57
C VAL B 144 -6.59 -5.01 17.95
N VAL B 145 -7.86 -5.42 17.85
CA VAL B 145 -9.00 -4.58 18.22
C VAL B 145 -9.39 -4.92 19.67
N ASP B 146 -9.48 -3.88 20.54
CA ASP B 146 -9.83 -4.01 21.96
C ASP B 146 -11.28 -4.44 22.12
N ARG B 147 -11.55 -5.32 23.11
CA ARG B 147 -12.87 -5.88 23.42
C ARG B 147 -13.86 -4.80 23.92
N ASP B 148 -13.34 -3.72 24.53
CA ASP B 148 -14.13 -2.60 25.07
C ASP B 148 -14.50 -1.54 23.99
N SER B 149 -13.87 -1.61 22.79
CA SER B 149 -14.11 -0.64 21.70
C SER B 149 -15.50 -0.77 21.10
N GLU B 150 -16.03 0.34 20.53
CA GLU B 150 -17.35 0.42 19.91
C GLU B 150 -17.43 -0.57 18.74
N GLU B 151 -16.38 -0.63 17.89
CA GLU B 151 -16.29 -1.51 16.72
C GLU B 151 -16.30 -3.00 17.11
N ALA B 152 -15.86 -3.36 18.34
CA ALA B 152 -15.88 -4.73 18.84
C ALA B 152 -17.32 -5.17 19.12
N GLU B 153 -18.17 -4.28 19.69
CA GLU B 153 -19.58 -4.55 19.93
C GLU B 153 -20.34 -4.77 18.64
N ILE B 154 -20.08 -3.90 17.63
CA ILE B 154 -20.71 -3.94 16.30
C ILE B 154 -20.31 -5.25 15.59
N ILE B 155 -19.04 -5.67 15.75
CA ILE B 155 -18.52 -6.91 15.16
C ILE B 155 -19.11 -8.11 15.89
N ARG B 156 -19.17 -8.09 17.24
CA ARG B 156 -19.74 -9.20 18.03
C ARG B 156 -21.24 -9.35 17.80
N LYS B 157 -21.97 -8.23 17.62
CA LYS B 157 -23.41 -8.25 17.34
C LYS B 157 -23.69 -8.88 15.96
N TYR B 158 -22.81 -8.60 14.97
CA TYR B 158 -22.87 -9.13 13.60
C TYR B 158 -22.69 -10.66 13.59
N VAL B 159 -21.87 -11.22 14.49
CA VAL B 159 -21.67 -12.67 14.56
C VAL B 159 -22.85 -13.34 15.31
N LYS B 160 -23.30 -12.75 16.44
CA LYS B 160 -24.37 -13.27 17.29
C LYS B 160 -25.77 -13.22 16.63
N ASN B 161 -26.07 -12.19 15.83
CA ASN B 161 -27.39 -12.02 15.23
C ASN B 161 -27.54 -12.65 13.84
N THR B 162 -26.46 -12.73 13.03
CA THR B 162 -26.57 -13.30 11.68
C THR B 162 -26.15 -14.79 11.65
N HIS B 163 -26.36 -15.52 12.76
CA HIS B 163 -26.07 -16.95 12.84
C HIS B 163 -27.41 -17.69 12.58
N ALA B 164 -27.43 -18.48 11.48
CA ALA B 164 -28.55 -19.18 10.82
C ALA B 164 -29.42 -20.13 11.68
N THR B 165 -30.52 -20.59 11.03
CA THR B 165 -31.56 -21.51 11.50
C THR B 165 -31.29 -22.96 10.98
N THR B 166 -30.74 -23.10 9.75
CA THR B 166 -30.42 -24.41 9.16
C THR B 166 -28.95 -24.78 9.41
N HIS B 167 -28.10 -23.78 9.75
CA HIS B 167 -26.69 -23.98 10.08
C HIS B 167 -26.50 -23.92 11.60
N ASN B 168 -27.57 -24.34 12.35
CA ASN B 168 -27.65 -24.36 13.81
C ASN B 168 -26.89 -25.57 14.42
N ALA B 169 -25.99 -26.20 13.64
CA ALA B 169 -25.17 -27.35 14.04
C ALA B 169 -24.12 -26.97 15.10
N TYR B 170 -23.74 -25.67 15.19
CA TYR B 170 -22.74 -25.18 16.12
C TYR B 170 -23.08 -23.80 16.75
N ASP B 171 -22.25 -23.37 17.71
CA ASP B 171 -22.26 -22.07 18.39
C ASP B 171 -21.00 -21.30 18.01
N LEU B 172 -21.06 -19.96 17.96
CA LEU B 172 -19.89 -19.16 17.57
C LEU B 172 -19.44 -18.20 18.68
N GLU B 173 -18.12 -18.25 18.99
CA GLU B 173 -17.43 -17.41 19.97
C GLU B 173 -16.30 -16.64 19.30
N VAL B 174 -16.23 -15.31 19.54
CA VAL B 174 -15.19 -14.47 18.94
C VAL B 174 -14.01 -14.38 19.92
N ILE B 175 -12.91 -15.10 19.63
CA ILE B 175 -11.71 -15.14 20.46
C ILE B 175 -10.92 -13.83 20.26
N ASP B 176 -10.72 -13.40 19.00
CA ASP B 176 -9.99 -12.18 18.69
C ASP B 176 -10.52 -11.46 17.43
N ILE B 177 -10.33 -10.12 17.40
CA ILE B 177 -10.71 -9.25 16.30
C ILE B 177 -9.46 -8.47 15.87
N PHE B 178 -9.10 -8.54 14.59
CA PHE B 178 -7.93 -7.86 14.04
C PHE B 178 -8.31 -6.91 12.92
N LYS B 179 -7.78 -5.68 12.97
CA LYS B 179 -7.95 -4.70 11.90
C LYS B 179 -6.80 -4.92 10.93
N ILE B 180 -7.08 -5.53 9.78
CA ILE B 180 -6.03 -5.86 8.80
C ILE B 180 -5.98 -4.83 7.65
N GLU B 181 -4.80 -4.20 7.49
CA GLU B 181 -4.50 -3.19 6.46
C GLU B 181 -3.53 -3.78 5.42
N ARG B 182 -4.10 -4.41 4.37
CA ARG B 182 -3.37 -5.02 3.26
C ARG B 182 -2.55 -3.95 2.51
N GLU B 183 -1.27 -4.25 2.23
CA GLU B 183 -0.38 -3.31 1.52
C GLU B 183 -0.79 -3.20 0.05
N GLY B 184 -0.94 -1.96 -0.41
CA GLY B 184 -1.32 -1.64 -1.79
C GLY B 184 -2.76 -1.92 -2.18
N GLU B 185 -3.63 -2.22 -1.20
CA GLU B 185 -5.04 -2.50 -1.43
C GLU B 185 -5.86 -1.20 -1.49
N CYS B 186 -5.52 -0.21 -0.65
CA CYS B 186 -6.20 1.08 -0.55
C CYS B 186 -6.10 1.85 -1.88
N GLN B 187 -4.89 1.88 -2.48
CA GLN B 187 -4.56 2.52 -3.76
C GLN B 187 -5.30 1.82 -4.92
N ARG B 188 -5.59 0.51 -4.77
CA ARG B 188 -6.30 -0.35 -5.73
C ARG B 188 -7.82 -0.15 -5.63
N TYR B 189 -8.33 0.01 -4.39
CA TYR B 189 -9.75 0.17 -4.07
C TYR B 189 -10.25 1.60 -4.35
N LYS B 190 -9.33 2.59 -4.35
CA LYS B 190 -9.55 4.04 -4.58
C LYS B 190 -10.72 4.37 -5.55
N PRO B 191 -10.83 3.82 -6.81
CA PRO B 191 -11.93 4.25 -7.68
C PRO B 191 -13.30 3.78 -7.26
N PHE B 192 -13.37 2.56 -6.68
CA PHE B 192 -14.61 1.93 -6.23
C PHE B 192 -15.08 2.48 -4.90
N LYS B 193 -14.29 3.35 -4.25
CA LYS B 193 -14.70 3.93 -2.97
C LYS B 193 -15.81 4.97 -3.20
N GLN B 194 -15.94 5.50 -4.43
CA GLN B 194 -16.95 6.49 -4.80
C GLN B 194 -18.28 5.83 -5.16
N LEU B 195 -18.30 4.49 -5.33
CA LEU B 195 -19.49 3.72 -5.64
C LEU B 195 -20.44 3.73 -4.47
N HIS B 196 -21.74 3.69 -4.74
CA HIS B 196 -22.77 3.65 -3.69
C HIS B 196 -22.88 2.20 -3.18
N ASN B 197 -23.89 1.88 -2.35
CA ASN B 197 -24.17 0.54 -1.82
C ASN B 197 -22.90 -0.26 -1.43
N ARG B 198 -21.98 0.40 -0.69
CA ARG B 198 -20.76 -0.24 -0.19
C ARG B 198 -21.12 -0.90 1.12
N ARG B 199 -21.00 -2.24 1.16
CA ARG B 199 -21.40 -3.02 2.34
C ARG B 199 -20.23 -3.77 2.96
N LEU B 200 -20.35 -4.05 4.28
CA LEU B 200 -19.36 -4.81 5.05
C LEU B 200 -19.87 -6.27 5.17
N LEU B 201 -19.30 -7.16 4.33
CA LEU B 201 -19.69 -8.56 4.23
C LEU B 201 -18.58 -9.54 4.66
N TRP B 202 -18.97 -10.80 4.88
CA TRP B 202 -18.10 -11.90 5.32
C TRP B 202 -17.51 -12.70 4.17
N HIS B 203 -16.29 -13.22 4.39
CA HIS B 203 -15.65 -14.18 3.51
C HIS B 203 -14.91 -15.21 4.36
N GLY B 204 -15.48 -16.41 4.41
CA GLY B 204 -14.92 -17.53 5.15
C GLY B 204 -14.07 -18.42 4.25
N SER B 205 -12.90 -18.85 4.76
CA SER B 205 -11.99 -19.74 4.05
C SER B 205 -11.22 -20.62 5.06
N ARG B 206 -10.53 -21.68 4.57
CA ARG B 206 -9.75 -22.59 5.41
C ARG B 206 -8.56 -21.87 6.04
N THR B 207 -8.21 -22.25 7.28
CA THR B 207 -7.12 -21.68 8.09
C THR B 207 -5.74 -21.67 7.37
N THR B 208 -5.49 -22.66 6.48
CA THR B 208 -4.23 -22.79 5.74
C THR B 208 -4.10 -21.74 4.62
N ASN B 209 -5.23 -21.41 3.97
CA ASN B 209 -5.36 -20.44 2.87
C ASN B 209 -4.93 -19.02 3.23
N PHE B 210 -5.17 -18.60 4.48
CA PHE B 210 -4.97 -17.24 4.98
C PHE B 210 -3.55 -16.65 4.83
N ALA B 211 -2.50 -17.48 4.63
CA ALA B 211 -1.15 -16.96 4.41
C ALA B 211 -1.05 -16.34 2.99
N GLY B 212 -1.78 -16.92 2.05
CA GLY B 212 -1.87 -16.43 0.68
C GLY B 212 -2.86 -15.30 0.51
N ILE B 213 -3.95 -15.32 1.31
CA ILE B 213 -5.02 -14.30 1.31
C ILE B 213 -4.47 -12.96 1.81
N LEU B 214 -3.48 -12.99 2.71
CA LEU B 214 -2.90 -11.76 3.25
C LEU B 214 -1.78 -11.20 2.35
N SER B 215 -1.09 -12.06 1.58
CA SER B 215 -0.01 -11.59 0.71
C SER B 215 -0.55 -11.23 -0.68
N GLN B 216 -1.18 -12.19 -1.37
CA GLN B 216 -1.74 -12.01 -2.71
C GLN B 216 -3.09 -11.30 -2.67
N GLY B 217 -3.81 -11.46 -1.56
CA GLY B 217 -5.13 -10.90 -1.37
C GLY B 217 -6.21 -11.86 -1.80
N LEU B 218 -7.47 -11.39 -1.86
CA LEU B 218 -8.62 -12.16 -2.32
C LEU B 218 -8.60 -12.15 -3.86
N ARG B 219 -8.57 -13.34 -4.48
CA ARG B 219 -8.49 -13.50 -5.92
C ARG B 219 -9.73 -14.19 -6.53
N ILE B 220 -9.78 -14.23 -7.87
CA ILE B 220 -10.80 -14.90 -8.71
C ILE B 220 -10.15 -16.16 -9.28
N ALA B 221 -10.94 -17.25 -9.50
CA ALA B 221 -10.47 -18.51 -10.05
C ALA B 221 -9.89 -18.32 -11.48
N PRO B 222 -8.81 -19.04 -11.86
CA PRO B 222 -8.22 -18.81 -13.21
C PRO B 222 -9.09 -19.33 -14.36
N PRO B 223 -8.84 -18.93 -15.64
CA PRO B 223 -9.66 -19.46 -16.76
C PRO B 223 -9.45 -20.95 -17.01
N GLU B 224 -8.33 -21.52 -16.49
CA GLU B 224 -7.97 -22.94 -16.57
C GLU B 224 -8.97 -23.80 -15.79
N ALA B 225 -9.38 -23.33 -14.61
CA ALA B 225 -10.32 -23.98 -13.69
C ALA B 225 -11.70 -24.21 -14.32
N PRO B 226 -12.40 -25.31 -13.95
CA PRO B 226 -13.75 -25.54 -14.51
C PRO B 226 -14.79 -24.64 -13.82
N VAL B 227 -15.72 -24.04 -14.60
CA VAL B 227 -16.75 -23.12 -14.10
C VAL B 227 -17.78 -23.83 -13.22
N THR B 228 -17.77 -25.19 -13.20
CA THR B 228 -18.68 -26.01 -12.39
C THR B 228 -18.50 -25.67 -10.89
N GLY B 229 -19.63 -25.53 -10.19
CA GLY B 229 -19.66 -25.17 -8.78
C GLY B 229 -19.93 -23.69 -8.57
N TYR B 230 -19.29 -22.84 -9.41
CA TYR B 230 -19.44 -21.39 -9.39
C TYR B 230 -20.82 -21.06 -9.93
N MET B 231 -21.80 -20.98 -9.01
CA MET B 231 -23.22 -20.74 -9.27
C MET B 231 -23.47 -19.51 -10.15
N PHE B 232 -22.75 -18.41 -9.91
CA PHE B 232 -22.93 -17.17 -10.67
C PHE B 232 -21.66 -16.82 -11.47
N GLY B 233 -20.86 -17.83 -11.79
CA GLY B 233 -19.61 -17.68 -12.53
C GLY B 233 -18.42 -17.40 -11.63
N LYS B 234 -17.21 -17.30 -12.20
CA LYS B 234 -15.99 -17.04 -11.43
C LYS B 234 -15.91 -15.56 -11.02
N GLY B 235 -15.84 -15.35 -9.71
CA GLY B 235 -15.74 -14.04 -9.06
C GLY B 235 -15.35 -14.18 -7.61
N ILE B 236 -15.61 -13.15 -6.79
CA ILE B 236 -15.31 -13.19 -5.35
C ILE B 236 -16.65 -13.22 -4.60
N TYR B 237 -16.94 -14.36 -3.95
CA TYR B 237 -18.20 -14.63 -3.25
C TYR B 237 -18.19 -14.17 -1.77
N PHE B 238 -19.33 -13.55 -1.34
CA PHE B 238 -19.56 -13.02 0.01
C PHE B 238 -20.96 -13.33 0.51
N ALA B 239 -21.17 -13.29 1.85
CA ALA B 239 -22.46 -13.55 2.52
C ALA B 239 -22.70 -12.60 3.71
N ASP B 240 -23.98 -12.20 3.92
CA ASP B 240 -24.37 -11.33 5.03
C ASP B 240 -24.56 -12.13 6.32
N MET B 241 -24.92 -13.42 6.18
CA MET B 241 -25.08 -14.35 7.30
C MET B 241 -23.73 -14.99 7.61
N VAL B 242 -23.18 -14.75 8.83
CA VAL B 242 -21.87 -15.25 9.29
C VAL B 242 -21.78 -16.78 9.20
N SER B 243 -22.89 -17.50 9.51
CA SER B 243 -22.98 -18.96 9.50
C SER B 243 -22.71 -19.56 8.12
N LYS B 244 -23.11 -18.85 7.05
CA LYS B 244 -22.90 -19.28 5.65
C LYS B 244 -21.40 -19.40 5.37
N SER B 245 -20.64 -18.32 5.61
CA SER B 245 -19.18 -18.25 5.43
C SER B 245 -18.44 -19.16 6.42
N ALA B 246 -18.98 -19.32 7.65
CA ALA B 246 -18.40 -20.14 8.72
C ALA B 246 -18.32 -21.62 8.35
N ASN B 247 -19.18 -22.09 7.42
CA ASN B 247 -19.18 -23.48 6.97
C ASN B 247 -17.99 -23.74 6.06
N TYR B 248 -17.48 -22.67 5.40
CA TYR B 248 -16.34 -22.72 4.48
C TYR B 248 -14.99 -22.70 5.23
N CYS B 249 -15.03 -22.64 6.58
CA CYS B 249 -13.85 -22.65 7.45
C CYS B 249 -13.25 -24.04 7.57
N HIS B 250 -14.13 -25.08 7.53
CA HIS B 250 -13.81 -26.50 7.68
C HIS B 250 -13.13 -26.75 9.03
N THR B 251 -13.91 -26.64 10.11
CA THR B 251 -13.45 -26.82 11.49
C THR B 251 -14.14 -28.04 12.11
N SER B 252 -13.34 -28.94 12.72
CA SER B 252 -13.80 -30.17 13.35
C SER B 252 -13.73 -30.08 14.88
N GLN B 253 -14.16 -31.15 15.60
CA GLN B 253 -14.14 -31.24 17.07
C GLN B 253 -12.70 -31.19 17.63
N GLY B 254 -11.75 -31.71 16.85
CA GLY B 254 -10.32 -31.72 17.20
C GLY B 254 -9.72 -30.34 17.23
N ASP B 255 -9.81 -29.61 16.09
CA ASP B 255 -9.34 -28.23 15.97
C ASP B 255 -10.55 -27.33 15.63
N PRO B 256 -11.18 -26.70 16.64
CA PRO B 256 -12.38 -25.89 16.35
C PRO B 256 -12.07 -24.43 16.01
N ILE B 257 -10.79 -24.00 16.10
CA ILE B 257 -10.42 -22.62 15.80
C ILE B 257 -10.34 -22.40 14.28
N GLY B 258 -10.99 -21.33 13.82
CA GLY B 258 -11.05 -20.93 12.42
C GLY B 258 -10.92 -19.43 12.20
N LEU B 259 -10.67 -19.02 10.95
CA LEU B 259 -10.51 -17.60 10.61
C LEU B 259 -11.52 -17.17 9.54
N ILE B 260 -12.22 -16.06 9.79
CA ILE B 260 -13.22 -15.48 8.90
C ILE B 260 -12.85 -14.01 8.66
N LEU B 261 -13.12 -13.50 7.45
CA LEU B 261 -12.80 -12.13 7.10
C LEU B 261 -14.03 -11.23 7.06
N LEU B 262 -13.78 -9.93 7.05
CA LEU B 262 -14.75 -8.85 6.90
C LEU B 262 -14.14 -7.84 5.95
N GLY B 263 -14.79 -7.63 4.82
CA GLY B 263 -14.28 -6.70 3.81
C GLY B 263 -15.28 -5.70 3.29
N GLU B 264 -14.76 -4.50 2.97
CA GLU B 264 -15.52 -3.42 2.34
C GLU B 264 -15.66 -3.84 0.88
N VAL B 265 -16.89 -4.23 0.49
CA VAL B 265 -17.19 -4.65 -0.88
C VAL B 265 -18.00 -3.54 -1.53
N ALA B 266 -17.45 -2.92 -2.57
CA ALA B 266 -18.12 -1.85 -3.31
C ALA B 266 -19.04 -2.47 -4.34
N LEU B 267 -20.26 -2.82 -3.90
CA LEU B 267 -21.25 -3.49 -4.73
C LEU B 267 -21.87 -2.53 -5.75
N GLY B 268 -22.43 -1.42 -5.28
CA GLY B 268 -23.06 -0.41 -6.13
C GLY B 268 -24.28 -0.93 -6.84
N ASN B 269 -24.31 -0.81 -8.19
CA ASN B 269 -25.42 -1.29 -9.01
C ASN B 269 -25.44 -2.82 -8.98
N MET B 270 -26.39 -3.38 -8.22
CA MET B 270 -26.52 -4.82 -8.02
C MET B 270 -27.44 -5.48 -9.04
N TYR B 271 -26.99 -6.62 -9.57
CA TYR B 271 -27.72 -7.44 -10.50
C TYR B 271 -28.38 -8.57 -9.69
N GLU B 272 -29.63 -8.34 -9.26
CA GLU B 272 -30.44 -9.24 -8.44
C GLU B 272 -30.85 -10.49 -9.22
N LEU B 273 -30.42 -11.67 -8.75
CA LEU B 273 -30.72 -12.93 -9.42
C LEU B 273 -31.32 -13.95 -8.47
N LYS B 274 -32.39 -14.64 -8.93
CA LYS B 274 -33.11 -15.68 -8.19
C LYS B 274 -32.46 -17.05 -8.45
N HIS B 275 -32.16 -17.33 -9.74
CA HIS B 275 -31.57 -18.57 -10.26
C HIS B 275 -30.09 -18.41 -10.59
N ALA B 276 -29.40 -19.53 -10.88
CA ALA B 276 -27.98 -19.53 -11.28
C ALA B 276 -27.81 -18.94 -12.67
N SER B 277 -26.84 -18.01 -12.81
CA SER B 277 -26.52 -17.36 -14.08
C SER B 277 -25.01 -17.21 -14.19
N HIS B 278 -24.40 -17.98 -15.10
CA HIS B 278 -22.95 -17.99 -15.30
C HIS B 278 -22.52 -16.72 -16.05
N ILE B 279 -22.17 -15.68 -15.27
CA ILE B 279 -21.77 -14.35 -15.74
C ILE B 279 -20.39 -14.38 -16.42
N SER B 280 -20.31 -13.71 -17.58
CA SER B 280 -19.08 -13.51 -18.35
C SER B 280 -18.86 -12.01 -18.46
N LYS B 281 -19.93 -11.26 -18.74
CA LYS B 281 -19.95 -9.80 -18.82
C LYS B 281 -21.26 -9.27 -18.28
N LEU B 282 -21.19 -8.64 -17.09
CA LEU B 282 -22.30 -7.98 -16.42
C LEU B 282 -22.93 -6.94 -17.33
N PRO B 283 -24.24 -6.61 -17.22
CA PRO B 283 -24.80 -5.58 -18.11
C PRO B 283 -24.09 -4.24 -17.94
N LYS B 284 -23.88 -3.53 -19.06
CA LYS B 284 -23.20 -2.24 -19.10
C LYS B 284 -23.96 -1.25 -18.22
N GLY B 285 -23.45 -1.10 -16.98
CA GLY B 285 -24.02 -0.24 -15.96
C GLY B 285 -24.08 -0.84 -14.57
N LYS B 286 -24.08 -2.20 -14.47
CA LYS B 286 -24.08 -2.92 -13.19
C LYS B 286 -22.64 -3.12 -12.71
N HIS B 287 -22.44 -3.30 -11.40
CA HIS B 287 -21.09 -3.45 -10.83
C HIS B 287 -20.93 -4.71 -9.95
N SER B 288 -22.05 -5.39 -9.58
CA SER B 288 -22.05 -6.60 -8.75
C SER B 288 -23.29 -7.47 -8.98
N VAL B 289 -23.31 -8.72 -8.44
CA VAL B 289 -24.43 -9.65 -8.54
C VAL B 289 -24.92 -10.00 -7.11
N LYS B 290 -26.24 -9.93 -6.89
CA LYS B 290 -26.86 -10.25 -5.61
C LYS B 290 -27.78 -11.46 -5.74
N GLY B 291 -27.27 -12.64 -5.37
CA GLY B 291 -28.03 -13.88 -5.35
C GLY B 291 -28.96 -13.84 -4.17
N LEU B 292 -30.25 -13.55 -4.43
CA LEU B 292 -31.28 -13.41 -3.39
C LEU B 292 -31.54 -14.75 -2.69
N GLY B 293 -31.71 -14.69 -1.37
CA GLY B 293 -31.95 -15.87 -0.54
C GLY B 293 -33.29 -15.90 0.16
N LYS B 294 -33.52 -16.97 0.95
CA LYS B 294 -34.76 -17.16 1.71
C LYS B 294 -34.81 -16.25 2.94
N THR B 295 -33.67 -16.12 3.66
CA THR B 295 -33.56 -15.30 4.88
C THR B 295 -32.53 -14.19 4.68
N THR B 296 -32.91 -12.96 5.08
CA THR B 296 -32.09 -11.75 5.00
C THR B 296 -32.01 -11.08 6.40
N PRO B 297 -30.85 -10.52 6.83
CA PRO B 297 -30.80 -9.84 8.13
C PRO B 297 -31.71 -8.62 8.14
N ASP B 298 -32.51 -8.46 9.23
CA ASP B 298 -33.51 -7.40 9.45
C ASP B 298 -33.01 -6.02 8.94
N PRO B 299 -33.69 -5.43 7.93
CA PRO B 299 -33.24 -4.14 7.38
C PRO B 299 -33.52 -2.95 8.31
N SER B 300 -34.49 -3.08 9.24
CA SER B 300 -34.82 -2.02 10.21
C SER B 300 -33.75 -1.97 11.32
N ALA B 301 -32.87 -2.99 11.38
CA ALA B 301 -31.76 -3.12 12.33
C ALA B 301 -30.41 -3.08 11.59
N ASN B 302 -30.31 -2.17 10.59
CA ASN B 302 -29.13 -1.99 9.75
C ASN B 302 -28.38 -0.71 10.14
N ILE B 303 -27.10 -0.86 10.53
CA ILE B 303 -26.21 0.22 10.96
C ILE B 303 -25.29 0.60 9.79
N SER B 304 -25.17 1.92 9.51
CA SER B 304 -24.34 2.46 8.43
C SER B 304 -23.06 3.08 9.00
N LEU B 305 -22.15 2.21 9.48
CA LEU B 305 -20.86 2.55 10.08
C LEU B 305 -19.83 2.97 9.00
N ASP B 306 -19.26 4.20 9.12
CA ASP B 306 -18.26 4.81 8.22
C ASP B 306 -18.80 4.97 6.77
N GLY B 307 -20.12 5.10 6.64
CA GLY B 307 -20.80 5.22 5.35
C GLY B 307 -20.84 3.90 4.59
N VAL B 308 -20.64 2.79 5.33
CA VAL B 308 -20.62 1.41 4.84
C VAL B 308 -21.71 0.64 5.59
N ASP B 309 -22.66 0.08 4.84
CA ASP B 309 -23.78 -0.69 5.40
C ASP B 309 -23.27 -1.96 6.09
N VAL B 310 -23.76 -2.19 7.33
CA VAL B 310 -23.40 -3.35 8.15
C VAL B 310 -24.71 -4.06 8.54
N PRO B 311 -25.13 -5.13 7.82
CA PRO B 311 -26.42 -5.77 8.14
C PRO B 311 -26.32 -6.74 9.34
N LEU B 312 -26.17 -6.17 10.56
CA LEU B 312 -26.05 -6.94 11.80
C LEU B 312 -27.41 -7.29 12.47
N GLY B 313 -28.51 -7.17 11.73
CA GLY B 313 -29.84 -7.51 12.24
C GLY B 313 -30.07 -9.00 12.28
N THR B 314 -31.13 -9.45 12.99
CA THR B 314 -31.46 -10.89 13.07
C THR B 314 -32.17 -11.31 11.78
N GLY B 315 -31.94 -12.55 11.38
CA GLY B 315 -32.49 -13.13 10.16
C GLY B 315 -33.99 -13.24 10.07
N ILE B 316 -34.59 -12.55 9.08
CA ILE B 316 -36.03 -12.56 8.77
C ILE B 316 -36.22 -13.00 7.31
N SER B 317 -37.40 -13.56 6.96
CA SER B 317 -37.67 -14.00 5.60
C SER B 317 -37.69 -12.77 4.66
N SER B 318 -36.92 -12.86 3.56
CA SER B 318 -36.73 -11.77 2.59
C SER B 318 -38.03 -11.32 1.91
N GLY B 319 -38.97 -12.24 1.76
CA GLY B 319 -40.23 -12.02 1.07
C GLY B 319 -40.11 -12.47 -0.37
N VAL B 320 -38.99 -13.15 -0.70
CA VAL B 320 -38.70 -13.69 -2.02
C VAL B 320 -39.24 -15.11 -2.05
N ASN B 321 -40.18 -15.32 -2.97
CA ASN B 321 -40.95 -16.55 -3.20
C ASN B 321 -40.14 -17.64 -3.92
N ASP B 322 -39.79 -17.43 -5.21
CA ASP B 322 -39.08 -18.43 -6.04
C ASP B 322 -37.55 -18.33 -5.93
N THR B 323 -37.00 -18.27 -4.68
CA THR B 323 -35.56 -18.17 -4.50
C THR B 323 -34.92 -19.56 -4.37
N SER B 324 -33.93 -19.83 -5.22
CA SER B 324 -33.21 -21.10 -5.29
C SER B 324 -31.99 -21.13 -4.34
N LEU B 325 -31.92 -20.19 -3.37
CA LEU B 325 -30.78 -20.08 -2.47
C LEU B 325 -31.11 -20.22 -0.97
N LEU B 326 -30.06 -20.52 -0.18
CA LEU B 326 -30.06 -20.64 1.28
C LEU B 326 -30.34 -19.25 1.85
N TYR B 327 -29.32 -18.37 1.79
CA TYR B 327 -29.31 -16.98 2.22
C TYR B 327 -28.74 -16.13 1.08
N ASN B 328 -28.53 -14.83 1.30
CA ASN B 328 -28.04 -13.95 0.25
C ASN B 328 -26.58 -14.20 -0.09
N GLU B 329 -26.23 -14.01 -1.37
CA GLU B 329 -24.89 -14.15 -1.92
C GLU B 329 -24.50 -12.88 -2.67
N TYR B 330 -23.29 -12.36 -2.40
CA TYR B 330 -22.81 -11.13 -3.04
C TYR B 330 -21.54 -11.45 -3.81
N ILE B 331 -21.59 -11.30 -5.14
CA ILE B 331 -20.48 -11.65 -6.03
C ILE B 331 -20.02 -10.44 -6.84
N VAL B 332 -18.71 -10.15 -6.77
CA VAL B 332 -18.03 -9.09 -7.52
C VAL B 332 -17.03 -9.78 -8.46
N TYR B 333 -16.85 -9.24 -9.68
CA TYR B 333 -16.00 -9.89 -10.68
C TYR B 333 -14.69 -9.13 -10.95
N ASP B 334 -14.35 -8.16 -10.07
CA ASP B 334 -13.12 -7.36 -10.09
C ASP B 334 -12.46 -7.48 -8.73
N ILE B 335 -11.17 -7.87 -8.69
CA ILE B 335 -10.42 -8.04 -7.43
C ILE B 335 -10.32 -6.73 -6.65
N ALA B 336 -10.30 -5.59 -7.37
CA ALA B 336 -10.16 -4.23 -6.83
C ALA B 336 -11.39 -3.74 -6.06
N GLN B 337 -12.59 -4.31 -6.33
CA GLN B 337 -13.85 -3.93 -5.67
C GLN B 337 -13.88 -4.30 -4.18
N VAL B 338 -12.92 -5.12 -3.72
CA VAL B 338 -12.81 -5.62 -2.36
C VAL B 338 -11.71 -4.89 -1.60
N ASN B 339 -12.00 -4.55 -0.33
CA ASN B 339 -11.07 -3.90 0.59
C ASN B 339 -11.22 -4.57 1.95
N LEU B 340 -10.41 -5.63 2.18
CA LEU B 340 -10.37 -6.43 3.41
C LEU B 340 -10.06 -5.51 4.59
N LYS B 341 -11.02 -5.39 5.53
CA LYS B 341 -10.93 -4.48 6.67
C LYS B 341 -10.63 -5.18 7.99
N TYR B 342 -11.31 -6.31 8.28
CA TYR B 342 -11.15 -7.03 9.56
C TYR B 342 -10.85 -8.52 9.38
N LEU B 343 -10.50 -9.18 10.48
CA LEU B 343 -10.22 -10.61 10.57
C LEU B 343 -10.67 -11.08 11.94
N LEU B 344 -11.31 -12.25 12.01
CA LEU B 344 -11.84 -12.78 13.26
C LEU B 344 -11.36 -14.20 13.52
N LYS B 345 -10.79 -14.42 14.71
CA LYS B 345 -10.33 -15.72 15.21
C LYS B 345 -11.52 -16.31 15.94
N LEU B 346 -12.26 -17.24 15.29
CA LEU B 346 -13.50 -17.78 15.87
C LEU B 346 -13.35 -19.17 16.48
N LYS B 347 -14.15 -19.43 17.52
CA LYS B 347 -14.25 -20.71 18.24
C LYS B 347 -15.61 -21.34 17.88
N PHE B 348 -15.60 -22.64 17.56
CA PHE B 348 -16.78 -23.41 17.20
C PHE B 348 -17.14 -24.40 18.32
N ASN B 349 -18.39 -24.33 18.82
CA ASN B 349 -18.86 -25.23 19.88
C ASN B 349 -19.82 -26.24 19.27
N PHE B 350 -19.49 -27.54 19.39
CA PHE B 350 -20.26 -28.64 18.78
C PHE B 350 -21.15 -29.35 19.81
CAA P34 C . 15.13 27.13 3.20
N P34 C . 14.82 26.38 4.42
CAB P34 C . 13.55 26.60 5.08
CA P34 C . 15.79 25.42 4.96
C P34 C . 15.83 24.14 4.15
O P34 C . 16.90 23.61 3.88
NAM P34 C . 14.64 23.62 3.80
CAP P34 C . 14.24 23.35 2.54
CAK P34 C . 13.25 24.14 1.94
CAU P34 C . 12.73 23.80 0.69
CAT P34 C . 11.73 24.64 -0.03
CAI P34 C . 11.27 25.86 0.47
CAF P34 C . 10.29 26.58 -0.22
CAE P34 C . 9.82 26.12 -1.46
CAH P34 C . 10.30 24.92 -1.98
CAS P34 C . 11.25 24.17 -1.27
CAQ P34 C . 11.78 22.90 -1.82
OAD P34 C . 11.36 22.49 -2.92
NAN P34 C . 12.69 22.16 -1.16
CAR P34 C . 13.20 22.54 0.03
CAJ P34 C . 14.15 21.74 0.67
CAG P34 C . 14.64 22.14 1.92
S SO4 D . -3.88 8.04 -8.55
O1 SO4 D . -3.13 6.92 -7.94
O2 SO4 D . -4.46 7.63 -9.85
O3 SO4 D . -4.99 8.46 -7.65
O4 SO4 D . -2.95 9.18 -8.78
CAA P34 E . -13.13 -18.79 -5.80
N P34 E . -13.84 -19.16 -4.59
CAB P34 E . -14.62 -18.14 -3.89
CA P34 E . -13.72 -20.54 -4.08
C P34 E . -14.96 -21.43 -4.20
O P34 E . -15.15 -22.06 -5.23
NAM P34 E . -15.82 -21.59 -3.17
CAP P34 E . -16.00 -20.76 -2.10
CAK P34 E . -17.25 -20.11 -1.94
CAU P34 E . -17.46 -19.29 -0.81
CAT P34 E . -18.74 -18.55 -0.55
CAI P34 E . -19.84 -18.65 -1.40
CAF P34 E . -21.00 -17.91 -1.12
CAE P34 E . -21.08 -17.14 0.05
CAH P34 E . -19.99 -17.06 0.91
CAS P34 E . -18.81 -17.77 0.62
CAQ P34 E . -17.63 -17.68 1.53
OAD P34 E . -17.67 -16.98 2.57
NAN P34 E . -16.50 -18.35 1.27
CAR P34 E . -16.35 -19.13 0.18
CAJ P34 E . -15.14 -19.79 -0.02
CAG P34 E . -15.01 -20.64 -1.12
#